data_5M14
#
_entry.id   5M14
#
_cell.length_a   57.890
_cell.length_b   57.950
_cell.length_c   281.540
_cell.angle_alpha   90.00
_cell.angle_beta   90.00
_cell.angle_gamma   90.00
#
_symmetry.space_group_name_H-M   'P 21 21 21'
#
loop_
_entity.id
_entity.type
_entity.pdbx_description
1 polymer 'Maltose-binding periplasmic protein'
2 polymer 'synthetic Nanobody L2_G11 (a-MBP#2)'
3 water water
#
loop_
_entity_poly.entity_id
_entity_poly.type
_entity_poly.pdbx_seq_one_letter_code
_entity_poly.pdbx_strand_id
1 'polypeptide(L)'
;GPSKIEEGKLVIWINGDKGYNGLAEVGKKFEKDTGIKVTVEHPDKLEEKFPQVAATGDGPDIIFWAHDRFGGYAQSGLLA
EITPDKAFQDKLYPFTWDAVRYNGKLIAYPIAVEALSLIYNKDLLPNPPKTWEEIPALDKELKAKGKSALMFNLQEPYFT
WPLIAADGGYAFKYENGKYDIKDVGVDNAGAKAGLTFLVDLIKNKHMNADTDYSIAEAAFNKGETAMTINGPWAWSNIDT
SKVNYGVTVLPTFKGQPSKPFVGVLSAGINAASPNKELAKEFLENYLLTDEGLEAVNKDKPLGAVALKSYEEELAKDPRI
AATMENAQKGEIMPNIPQMSAFWYAVRTAVINAASGRQTVDEALKDAQTPGSA
;
A,B
2 'polypeptide(L)'
;GPSQVQLVESGGGSVQAGGSLRLSCAASGQIEHIGYLGWFRQAPGKEREGVAALITYTGHTYYADSVKGRFTVSLDNAKN
TVYLQMNSLKPEDTALYYCAAAEWGSQSPLTQWFYRYWGQGTQVTVSA
;
C,D
#
# COMPACT_ATOMS: atom_id res chain seq x y z
N LYS A 4 16.42 17.48 33.61
CA LYS A 4 16.67 17.61 32.17
C LYS A 4 15.60 16.86 31.40
N ILE A 5 15.62 15.53 31.52
CA ILE A 5 14.48 14.72 31.13
C ILE A 5 13.45 14.79 32.26
N GLU A 6 12.19 14.98 31.88
CA GLU A 6 11.12 15.22 32.86
C GLU A 6 10.87 14.00 33.72
N GLU A 7 10.87 14.18 35.04
CA GLU A 7 10.65 13.07 35.95
C GLU A 7 9.16 12.82 36.14
N GLY A 8 8.78 11.55 36.23
CA GLY A 8 7.40 11.18 36.49
C GLY A 8 6.52 11.02 35.27
N LYS A 9 7.10 10.92 34.09
CA LYS A 9 6.40 10.55 32.87
C LYS A 9 7.38 9.80 31.99
N LEU A 10 6.89 9.29 30.87
CA LEU A 10 7.72 8.56 29.92
C LEU A 10 7.62 9.21 28.54
N VAL A 11 8.78 9.43 27.93
CA VAL A 11 8.88 9.85 26.54
C VAL A 11 9.56 8.72 25.78
N ILE A 12 8.94 8.28 24.69
CA ILE A 12 9.42 7.15 23.91
C ILE A 12 9.64 7.61 22.47
N TRP A 13 10.80 7.28 21.91
CA TRP A 13 11.12 7.55 20.51
C TRP A 13 11.21 6.25 19.74
N ILE A 14 10.54 6.19 18.60
CA ILE A 14 10.55 5.04 17.70
C ILE A 14 10.48 5.56 16.28
N ASN A 15 11.06 4.82 15.34
CA ASN A 15 11.16 5.32 13.97
C ASN A 15 9.78 5.35 13.30
N GLY A 16 9.68 6.21 12.28
CA GLY A 16 8.42 6.46 11.61
C GLY A 16 7.92 5.33 10.74
N ASP A 17 8.70 4.27 10.56
CA ASP A 17 8.24 3.10 9.81
C ASP A 17 7.70 2.01 10.73
N LYS A 18 7.54 2.29 12.02
CA LYS A 18 7.05 1.32 12.97
C LYS A 18 5.63 1.68 13.39
N GLY A 19 5.03 0.78 14.18
CA GLY A 19 3.67 0.97 14.63
C GLY A 19 3.57 1.90 15.82
N TYR A 20 3.82 3.20 15.60
CA TYR A 20 3.90 4.10 16.74
C TYR A 20 2.52 4.41 17.32
N ASN A 21 1.46 4.30 16.52
CA ASN A 21 0.12 4.48 17.07
C ASN A 21 -0.24 3.33 17.99
N GLY A 22 0.11 2.10 17.61
CA GLY A 22 -0.10 0.98 18.50
C GLY A 22 0.71 1.09 19.76
N LEU A 23 1.94 1.58 19.66
CA LEU A 23 2.77 1.76 20.84
C LEU A 23 2.17 2.83 21.76
N ALA A 24 1.66 3.92 21.16
CA ALA A 24 0.99 4.94 21.95
C ALA A 24 -0.21 4.37 22.70
N GLU A 25 -0.89 3.39 22.10
CA GLU A 25 -2.04 2.78 22.77
C GLU A 25 -1.60 1.94 23.97
N VAL A 26 -0.45 1.26 23.88
CA VAL A 26 0.10 0.60 25.05
C VAL A 26 0.41 1.63 26.13
N GLY A 27 0.93 2.79 25.74
CA GLY A 27 1.18 3.85 26.69
C GLY A 27 -0.08 4.37 27.36
N LYS A 28 -1.20 4.40 26.63
CA LYS A 28 -2.47 4.79 27.24
C LYS A 28 -2.90 3.78 28.30
N LYS A 29 -2.70 2.48 28.04
CA LYS A 29 -3.03 1.47 29.03
C LYS A 29 -2.17 1.62 30.28
N PHE A 30 -0.88 1.89 30.10
CA PHE A 30 -0.01 2.15 31.24
C PHE A 30 -0.52 3.33 32.06
N GLU A 31 -0.91 4.41 31.40
CA GLU A 31 -1.45 5.57 32.11
C GLU A 31 -2.73 5.21 32.86
N LYS A 32 -3.56 4.35 32.27
CA LYS A 32 -4.82 3.97 32.91
C LYS A 32 -4.60 3.25 34.24
N ASP A 33 -3.47 2.55 34.38
CA ASP A 33 -3.17 1.82 35.60
C ASP A 33 -2.32 2.60 36.59
N THR A 34 -1.50 3.53 36.12
CA THR A 34 -0.47 4.16 36.94
C THR A 34 -0.60 5.68 37.06
N GLY A 35 -1.41 6.33 36.24
CA GLY A 35 -1.40 7.78 36.17
C GLY A 35 -0.22 8.38 35.44
N ILE A 36 0.73 7.57 34.96
CA ILE A 36 1.93 8.06 34.30
C ILE A 36 1.63 8.30 32.82
N LYS A 37 1.80 9.54 32.38
CA LYS A 37 1.61 9.87 30.97
C LYS A 37 2.75 9.32 30.13
N VAL A 38 2.42 8.68 29.02
CA VAL A 38 3.40 8.13 28.09
C VAL A 38 3.22 8.83 26.76
N THR A 39 4.26 9.52 26.30
CA THR A 39 4.26 10.23 25.03
C THR A 39 5.16 9.51 24.05
N VAL A 40 4.62 9.11 22.89
CA VAL A 40 5.37 8.44 21.84
C VAL A 40 5.61 9.41 20.70
N GLU A 41 6.87 9.54 20.29
CA GLU A 41 7.25 10.39 19.18
C GLU A 41 7.97 9.55 18.13
N HIS A 42 7.92 10.03 16.89
CA HIS A 42 8.69 9.47 15.78
C HIS A 42 9.46 10.60 15.11
N PRO A 43 10.52 11.09 15.75
CA PRO A 43 11.21 12.26 15.23
C PRO A 43 11.86 11.99 13.89
N ASP A 44 11.90 13.02 13.05
CA ASP A 44 12.70 12.94 11.83
C ASP A 44 14.16 12.70 12.19
N LYS A 45 14.86 11.97 11.31
CA LYS A 45 16.29 11.71 11.46
C LYS A 45 16.62 11.08 12.81
N LEU A 46 15.79 10.11 13.22
CA LEU A 46 15.93 9.53 14.55
C LEU A 46 17.28 8.85 14.74
N GLU A 47 17.84 8.25 13.69
CA GLU A 47 19.06 7.46 13.85
C GLU A 47 20.20 8.29 14.41
N GLU A 48 20.38 9.51 13.89
CA GLU A 48 21.40 10.39 14.44
C GLU A 48 20.89 11.30 15.55
N LYS A 49 19.58 11.50 15.64
CA LYS A 49 19.04 12.40 16.66
C LYS A 49 19.24 11.84 18.06
N PHE A 50 19.02 10.55 18.26
CA PHE A 50 19.13 10.03 19.63
C PHE A 50 20.55 10.15 20.18
N PRO A 51 21.61 9.72 19.49
CA PRO A 51 22.95 9.87 20.08
C PRO A 51 23.33 11.32 20.29
N GLN A 52 22.90 12.21 19.40
CA GLN A 52 23.24 13.63 19.54
C GLN A 52 22.61 14.22 20.78
N VAL A 53 21.31 13.97 20.99
CA VAL A 53 20.61 14.57 22.12
C VAL A 53 20.96 13.85 23.42
N ALA A 54 21.13 12.52 23.37
CA ALA A 54 21.44 11.79 24.60
C ALA A 54 22.83 12.12 25.12
N ALA A 55 23.77 12.47 24.24
CA ALA A 55 25.11 12.84 24.69
C ALA A 55 25.10 14.11 25.54
N THR A 56 24.05 14.93 25.43
CA THR A 56 23.90 16.10 26.27
C THR A 56 23.06 15.84 27.52
N GLY A 57 22.74 14.56 27.80
CA GLY A 57 21.91 14.25 28.93
C GLY A 57 20.43 14.48 28.73
N ASP A 58 19.98 14.52 27.48
CA ASP A 58 18.60 14.84 27.16
C ASP A 58 17.98 13.75 26.29
N GLY A 59 16.76 13.97 25.80
CA GLY A 59 16.13 13.04 24.89
C GLY A 59 15.04 12.22 25.55
N PRO A 60 14.69 11.09 24.93
CA PRO A 60 13.60 10.25 25.45
C PRO A 60 14.06 9.37 26.61
N ASP A 61 13.08 8.87 27.36
CA ASP A 61 13.39 7.84 28.35
C ASP A 61 13.72 6.51 27.67
N ILE A 62 13.04 6.20 26.57
CA ILE A 62 13.14 4.92 25.88
C ILE A 62 13.39 5.18 24.40
N ILE A 63 14.36 4.46 23.82
CA ILE A 63 14.68 4.55 22.40
C ILE A 63 14.51 3.17 21.78
N PHE A 64 13.80 3.09 20.66
CA PHE A 64 13.64 1.85 19.89
C PHE A 64 14.55 1.91 18.67
N TRP A 65 15.44 0.92 18.53
CA TRP A 65 16.28 0.84 17.34
C TRP A 65 16.84 -0.56 17.19
N ALA A 66 17.36 -0.85 16.00
CA ALA A 66 18.06 -2.11 15.77
C ALA A 66 19.22 -2.27 16.74
N HIS A 67 19.37 -3.51 17.24
CA HIS A 67 20.31 -3.79 18.33
C HIS A 67 21.75 -3.45 17.97
N ASP A 68 22.14 -3.60 16.71
CA ASP A 68 23.56 -3.49 16.36
C ASP A 68 24.08 -2.08 16.62
N ARG A 69 23.24 -1.06 16.49
CA ARG A 69 23.66 0.29 16.81
C ARG A 69 23.78 0.53 18.31
N PHE A 70 23.09 -0.28 19.13
CA PHE A 70 23.11 -0.07 20.57
C PHE A 70 24.45 -0.42 21.20
N GLY A 71 25.27 -1.24 20.54
CA GLY A 71 26.58 -1.54 21.09
C GLY A 71 27.42 -0.29 21.24
N GLY A 72 27.43 0.55 20.20
CA GLY A 72 28.16 1.81 20.29
C GLY A 72 27.52 2.82 21.20
N TYR A 73 26.18 2.82 21.30
CA TYR A 73 25.51 3.70 22.25
C TYR A 73 25.91 3.33 23.68
N ALA A 74 25.97 2.03 23.98
CA ALA A 74 26.41 1.60 25.30
C ALA A 74 27.86 1.98 25.54
N GLN A 75 28.71 1.85 24.52
CA GLN A 75 30.10 2.26 24.66
C GLN A 75 30.22 3.74 25.02
N SER A 76 29.36 4.56 24.43
CA SER A 76 29.36 6.00 24.68
C SER A 76 28.65 6.38 25.97
N GLY A 77 28.13 5.41 26.73
CA GLY A 77 27.46 5.72 27.97
C GLY A 77 26.06 6.27 27.83
N LEU A 78 25.38 5.96 26.73
CA LEU A 78 24.06 6.51 26.46
C LEU A 78 22.93 5.60 26.92
N LEU A 79 23.20 4.35 27.26
CA LEU A 79 22.18 3.39 27.60
C LEU A 79 22.41 2.84 29.00
N ALA A 80 21.32 2.69 29.75
CA ALA A 80 21.39 2.09 31.07
C ALA A 80 21.40 0.57 30.97
N GLU A 81 22.14 -0.06 31.87
CA GLU A 81 22.01 -1.51 32.03
C GLU A 81 20.62 -1.82 32.54
N ILE A 82 19.97 -2.81 31.94
CA ILE A 82 18.64 -3.21 32.34
C ILE A 82 18.75 -4.38 33.31
N THR A 83 17.69 -4.59 34.08
CA THR A 83 17.73 -5.53 35.21
C THR A 83 16.56 -6.51 35.20
N PRO A 84 16.35 -7.26 34.12
CA PRO A 84 15.28 -8.27 34.13
C PRO A 84 15.68 -9.49 34.96
N ASP A 85 14.73 -9.99 35.76
CA ASP A 85 14.91 -11.22 36.53
CA ASP A 85 15.02 -11.20 36.52
C ASP A 85 14.97 -12.43 35.60
N LYS A 86 15.31 -13.58 36.19
CA LYS A 86 15.34 -14.81 35.41
C LYS A 86 13.96 -15.15 34.86
N ALA A 87 12.91 -14.95 35.66
CA ALA A 87 11.56 -15.27 35.19
C ALA A 87 11.19 -14.49 33.94
N PHE A 88 11.56 -13.21 33.88
CA PHE A 88 11.27 -12.46 32.67
C PHE A 88 12.18 -12.88 31.52
N GLN A 89 13.46 -13.11 31.80
CA GLN A 89 14.39 -13.50 30.75
C GLN A 89 13.96 -14.79 30.07
N ASP A 90 13.35 -15.71 30.83
CA ASP A 90 12.86 -16.96 30.26
C ASP A 90 11.71 -16.75 29.27
N LYS A 91 11.08 -15.58 29.29
CA LYS A 91 9.96 -15.31 28.38
C LYS A 91 10.41 -14.95 26.97
N LEU A 92 11.68 -14.64 26.75
CA LEU A 92 12.18 -14.26 25.43
C LEU A 92 13.21 -15.28 24.96
N TYR A 93 13.37 -15.39 23.64
CA TYR A 93 14.31 -16.36 23.10
C TYR A 93 15.72 -16.01 23.52
N PRO A 94 16.53 -17.00 23.93
CA PRO A 94 17.88 -16.69 24.43
C PRO A 94 18.74 -15.92 23.43
N PHE A 95 18.63 -16.21 22.14
CA PHE A 95 19.48 -15.51 21.19
C PHE A 95 19.16 -14.03 21.11
N THR A 96 17.93 -13.62 21.45
CA THR A 96 17.62 -12.20 21.42
C THR A 96 18.26 -11.46 22.59
N TRP A 97 18.45 -12.13 23.73
CA TRP A 97 19.21 -11.53 24.81
C TRP A 97 20.68 -11.35 24.43
N ASP A 98 21.24 -12.31 23.69
CA ASP A 98 22.61 -12.16 23.22
C ASP A 98 22.77 -10.92 22.35
N ALA A 99 21.74 -10.56 21.58
CA ALA A 99 21.82 -9.41 20.69
C ALA A 99 21.87 -8.08 21.44
N VAL A 100 21.37 -8.05 22.67
CA VAL A 100 21.34 -6.83 23.47
C VAL A 100 22.37 -6.88 24.59
N ARG A 101 23.37 -7.75 24.46
CA ARG A 101 24.43 -7.88 25.45
C ARG A 101 25.67 -7.16 24.95
N TYR A 102 26.22 -6.27 25.77
CA TYR A 102 27.41 -5.52 25.41
C TYR A 102 28.30 -5.37 26.63
N ASN A 103 29.56 -5.78 26.49
CA ASN A 103 30.53 -5.74 27.60
C ASN A 103 30.00 -6.54 28.80
N GLY A 104 29.26 -7.61 28.52
CA GLY A 104 28.71 -8.46 29.56
C GLY A 104 27.38 -8.01 30.13
N LYS A 105 26.94 -6.79 29.85
CA LYS A 105 25.72 -6.25 30.43
C LYS A 105 24.60 -6.22 29.40
N LEU A 106 23.39 -6.55 29.83
CA LEU A 106 22.21 -6.34 29.00
C LEU A 106 21.91 -4.86 28.93
N ILE A 107 21.73 -4.34 27.71
CA ILE A 107 21.60 -2.89 27.55
C ILE A 107 20.34 -2.49 26.80
N ALA A 108 19.43 -3.44 26.59
CA ALA A 108 18.14 -3.15 25.94
C ALA A 108 17.23 -4.37 26.04
N TYR A 109 15.93 -4.12 25.81
CA TYR A 109 14.94 -5.18 25.73
C TYR A 109 14.69 -5.58 24.28
N PRO A 110 14.88 -6.84 23.91
CA PRO A 110 14.52 -7.27 22.55
C PRO A 110 13.02 -7.16 22.32
N ILE A 111 12.66 -6.77 21.10
CA ILE A 111 11.25 -6.62 20.74
C ILE A 111 10.92 -7.51 19.54
N ALA A 112 11.56 -7.26 18.40
CA ALA A 112 11.22 -7.94 17.15
C ALA A 112 12.47 -8.57 16.55
N VAL A 113 12.25 -9.53 15.65
CA VAL A 113 13.33 -10.33 15.03
C VAL A 113 13.10 -10.34 13.52
N GLU A 114 14.15 -10.02 12.76
CA GLU A 114 14.07 -10.08 11.30
C GLU A 114 15.27 -10.81 10.74
N ALA A 115 15.03 -11.51 9.63
CA ALA A 115 16.08 -12.17 8.86
C ALA A 115 15.55 -12.37 7.45
N LEU A 116 16.47 -12.58 6.52
CA LEU A 116 16.10 -12.89 5.14
C LEU A 116 15.44 -14.27 5.07
N SER A 117 14.53 -14.42 4.11
CA SER A 117 13.95 -15.71 3.78
C SER A 117 13.95 -15.89 2.27
N LEU A 118 13.64 -17.11 1.85
CA LEU A 118 13.41 -17.41 0.45
C LEU A 118 11.96 -17.09 0.11
N ILE A 119 11.76 -16.18 -0.83
CA ILE A 119 10.43 -15.79 -1.28
C ILE A 119 10.23 -16.39 -2.67
N TYR A 120 9.09 -17.07 -2.87
CA TYR A 120 8.89 -17.79 -4.12
C TYR A 120 7.48 -17.56 -4.64
N ASN A 121 7.36 -17.67 -5.97
CA ASN A 121 6.10 -17.53 -6.68
C ASN A 121 5.42 -18.90 -6.73
N LYS A 122 4.29 -19.04 -6.02
CA LYS A 122 3.63 -20.33 -5.94
C LYS A 122 3.07 -20.79 -7.27
N ASP A 123 2.65 -19.86 -8.13
CA ASP A 123 2.12 -20.24 -9.44
C ASP A 123 3.24 -20.76 -10.33
N LEU A 124 4.42 -20.14 -10.26
CA LEU A 124 5.56 -20.57 -11.05
C LEU A 124 6.27 -21.76 -10.43
N LEU A 125 6.22 -21.89 -9.11
CA LEU A 125 7.06 -22.84 -8.37
C LEU A 125 6.35 -23.24 -7.10
N PRO A 126 5.38 -24.16 -7.19
CA PRO A 126 4.65 -24.57 -5.97
C PRO A 126 5.53 -25.26 -4.95
N ASN A 127 6.57 -25.97 -5.37
CA ASN A 127 7.46 -26.71 -4.48
C ASN A 127 8.86 -26.18 -4.66
N PRO A 128 9.22 -25.10 -3.98
CA PRO A 128 10.54 -24.47 -4.19
C PRO A 128 11.66 -25.35 -3.70
N PRO A 129 12.88 -25.15 -4.19
CA PRO A 129 13.97 -26.08 -3.88
C PRO A 129 14.45 -25.95 -2.45
N LYS A 130 14.81 -27.09 -1.87
CA LYS A 130 15.39 -27.10 -0.54
C LYS A 130 16.88 -26.81 -0.55
N THR A 131 17.54 -26.95 -1.70
CA THR A 131 18.99 -26.83 -1.79
C THR A 131 19.39 -25.83 -2.87
N TRP A 132 20.49 -25.13 -2.60
CA TRP A 132 21.12 -24.29 -3.61
C TRP A 132 21.53 -25.11 -4.83
N GLU A 133 21.95 -26.36 -4.60
CA GLU A 133 22.46 -27.20 -5.68
C GLU A 133 21.42 -27.49 -6.75
N GLU A 134 20.12 -27.40 -6.42
CA GLU A 134 19.05 -27.61 -7.38
C GLU A 134 18.83 -26.43 -8.31
N ILE A 135 19.30 -25.24 -7.92
CA ILE A 135 18.92 -24.03 -8.66
C ILE A 135 19.40 -24.05 -10.11
N PRO A 136 20.61 -24.50 -10.45
CA PRO A 136 21.00 -24.50 -11.88
C PRO A 136 20.05 -25.25 -12.78
N ALA A 137 19.66 -26.47 -12.41
CA ALA A 137 18.75 -27.25 -13.24
C ALA A 137 17.37 -26.61 -13.28
N LEU A 138 16.92 -26.06 -12.15
CA LEU A 138 15.63 -25.38 -12.12
C LEU A 138 15.65 -24.14 -13.00
N ASP A 139 16.76 -23.40 -13.01
CA ASP A 139 16.84 -22.21 -13.85
C ASP A 139 16.81 -22.58 -15.34
N LYS A 140 17.48 -23.67 -15.72
CA LYS A 140 17.42 -24.08 -17.12
C LYS A 140 16.00 -24.41 -17.53
N GLU A 141 15.25 -25.10 -16.65
CA GLU A 141 13.85 -25.39 -16.92
C GLU A 141 13.05 -24.10 -17.12
N LEU A 142 13.17 -23.16 -16.19
CA LEU A 142 12.36 -21.95 -16.25
C LEU A 142 12.77 -21.04 -17.40
N LYS A 143 14.04 -21.05 -17.77
CA LYS A 143 14.46 -20.20 -18.88
C LYS A 143 13.92 -20.70 -20.21
N ALA A 144 13.66 -22.00 -20.32
CA ALA A 144 12.96 -22.49 -21.51
C ALA A 144 11.53 -21.99 -21.57
N LYS A 145 10.97 -21.54 -20.44
CA LYS A 145 9.63 -20.98 -20.39
C LYS A 145 9.64 -19.46 -20.28
N GLY A 146 10.77 -18.83 -20.61
CA GLY A 146 10.85 -17.37 -20.58
C GLY A 146 10.95 -16.77 -19.19
N LYS A 147 11.33 -17.55 -18.19
CA LYS A 147 11.45 -17.09 -16.81
C LYS A 147 12.87 -17.35 -16.32
N SER A 148 13.10 -17.07 -15.04
CA SER A 148 14.34 -17.46 -14.39
C SER A 148 14.02 -18.02 -13.01
N ALA A 149 14.98 -18.74 -12.45
CA ALA A 149 14.78 -19.34 -11.13
C ALA A 149 14.87 -18.31 -10.01
N LEU A 150 15.95 -17.53 -9.97
CA LEU A 150 16.25 -16.77 -8.77
C LEU A 150 16.94 -15.45 -9.13
N MET A 151 16.44 -14.35 -8.58
CA MET A 151 17.11 -13.07 -8.67
C MET A 151 17.07 -12.39 -7.31
N PHE A 152 18.22 -11.98 -6.82
CA PHE A 152 18.28 -11.25 -5.55
C PHE A 152 19.47 -10.32 -5.57
N ASN A 153 19.50 -9.41 -4.60
CA ASN A 153 20.51 -8.36 -4.54
C ASN A 153 21.89 -8.98 -4.34
N LEU A 154 22.70 -9.01 -5.39
CA LEU A 154 24.06 -9.53 -5.25
C LEU A 154 25.06 -8.50 -4.76
N GLN A 155 24.65 -7.24 -4.59
CA GLN A 155 25.60 -6.17 -4.36
C GLN A 155 25.98 -6.02 -2.89
N GLU A 156 25.14 -6.46 -1.96
CA GLU A 156 25.41 -6.27 -0.55
C GLU A 156 25.73 -7.60 0.13
N PRO A 157 26.83 -7.68 0.89
CA PRO A 157 27.12 -8.92 1.62
C PRO A 157 26.00 -9.38 2.53
N TYR A 158 25.14 -8.45 2.98
CA TYR A 158 23.97 -8.85 3.77
C TYR A 158 23.16 -9.92 3.04
N PHE A 159 23.06 -9.81 1.72
CA PHE A 159 22.28 -10.76 0.94
C PHE A 159 23.08 -11.97 0.48
N THR A 160 24.37 -11.82 0.21
CA THR A 160 25.17 -12.93 -0.31
C THR A 160 25.85 -13.75 0.78
N TRP A 161 26.10 -13.17 1.95
CA TRP A 161 26.77 -13.91 3.01
C TRP A 161 26.00 -15.12 3.52
N PRO A 162 24.65 -15.17 3.53
CA PRO A 162 24.00 -16.39 4.04
C PRO A 162 24.46 -17.66 3.32
N LEU A 163 24.71 -17.58 2.01
CA LEU A 163 25.23 -18.73 1.27
C LEU A 163 26.71 -18.95 1.58
N ILE A 164 27.48 -17.86 1.68
CA ILE A 164 28.90 -17.98 1.97
C ILE A 164 29.13 -18.53 3.38
N ALA A 165 28.19 -18.27 4.29
CA ALA A 165 28.36 -18.75 5.66
C ALA A 165 27.95 -20.21 5.84
N ALA A 166 27.16 -20.75 4.90
CA ALA A 166 26.53 -22.05 5.12
C ALA A 166 27.57 -23.14 5.41
N ASP A 167 28.62 -23.22 4.60
CA ASP A 167 29.65 -24.24 4.76
C ASP A 167 30.78 -23.82 5.70
N GLY A 168 30.75 -22.60 6.23
CA GLY A 168 31.66 -22.28 7.32
C GLY A 168 32.18 -20.85 7.41
N GLY A 169 31.86 -20.00 6.43
CA GLY A 169 32.32 -18.63 6.50
C GLY A 169 31.69 -17.86 7.64
N TYR A 170 32.46 -16.92 8.19
CA TYR A 170 31.92 -16.02 9.22
C TYR A 170 32.83 -14.82 9.37
N ALA A 171 32.28 -13.76 9.97
CA ALA A 171 33.06 -12.56 10.23
C ALA A 171 33.97 -12.76 11.44
N PHE A 172 33.37 -12.95 12.61
CA PHE A 172 34.12 -13.15 13.85
C PHE A 172 33.50 -14.32 14.61
N LYS A 173 34.35 -15.17 15.18
CA LYS A 173 33.86 -16.28 15.98
C LYS A 173 33.14 -15.74 17.21
N TYR A 174 31.97 -16.30 17.48
CA TYR A 174 31.08 -15.83 18.54
C TYR A 174 30.77 -17.01 19.46
N GLU A 175 31.28 -16.98 20.68
CA GLU A 175 31.12 -18.08 21.62
C GLU A 175 30.88 -17.51 23.01
N ASN A 176 29.73 -17.88 23.59
CA ASN A 176 29.32 -17.46 24.94
C ASN A 176 29.22 -15.94 25.05
N GLY A 177 28.60 -15.33 24.04
CA GLY A 177 28.28 -13.91 24.10
C GLY A 177 29.43 -12.96 23.83
N LYS A 178 30.58 -13.46 23.39
CA LYS A 178 31.73 -12.62 23.09
C LYS A 178 32.27 -12.94 21.70
N TYR A 179 32.65 -11.90 20.97
CA TYR A 179 33.31 -12.07 19.69
C TYR A 179 34.81 -12.14 19.87
N ASP A 180 35.44 -13.02 19.09
CA ASP A 180 36.90 -13.15 19.05
C ASP A 180 37.33 -12.47 17.75
N ILE A 181 37.70 -11.19 17.84
CA ILE A 181 38.11 -10.44 16.66
C ILE A 181 39.42 -10.96 16.07
N LYS A 182 40.15 -11.79 16.80
CA LYS A 182 41.34 -12.46 16.27
C LYS A 182 40.99 -13.77 15.54
N ASP A 183 39.71 -14.13 15.48
CA ASP A 183 39.24 -15.37 14.86
C ASP A 183 38.28 -14.96 13.76
N VAL A 184 38.80 -14.85 12.53
CA VAL A 184 38.05 -14.34 11.39
C VAL A 184 37.97 -15.44 10.33
N GLY A 185 36.77 -15.66 9.80
CA GLY A 185 36.57 -16.73 8.84
C GLY A 185 36.08 -16.26 7.48
N VAL A 186 36.68 -15.19 6.97
CA VAL A 186 36.25 -14.64 5.68
C VAL A 186 36.85 -15.41 4.51
N ASP A 187 38.05 -15.99 4.67
CA ASP A 187 38.67 -16.74 3.58
C ASP A 187 38.95 -18.19 3.96
N ASN A 188 38.17 -18.74 4.89
CA ASN A 188 38.31 -20.15 5.20
C ASN A 188 37.69 -21.00 4.09
N ALA A 189 37.80 -22.32 4.22
CA ALA A 189 37.34 -23.22 3.17
C ALA A 189 35.84 -23.09 2.93
N GLY A 190 35.07 -22.91 3.99
CA GLY A 190 33.62 -22.79 3.84
C GLY A 190 33.21 -21.54 3.08
N ALA A 191 33.86 -20.41 3.37
CA ALA A 191 33.57 -19.19 2.63
C ALA A 191 33.95 -19.35 1.16
N LYS A 192 35.10 -19.95 0.89
CA LYS A 192 35.51 -20.18 -0.49
C LYS A 192 34.51 -21.08 -1.21
N ALA A 193 33.99 -22.10 -0.52
CA ALA A 193 33.03 -23.01 -1.16
C ALA A 193 31.75 -22.27 -1.54
N GLY A 194 31.24 -21.43 -0.63
CA GLY A 194 29.99 -20.74 -0.91
C GLY A 194 30.13 -19.67 -1.98
N LEU A 195 31.17 -18.84 -1.87
CA LEU A 195 31.39 -17.84 -2.91
C LEU A 195 31.68 -18.48 -4.26
N THR A 196 32.36 -19.63 -4.28
CA THR A 196 32.62 -20.31 -5.55
C THR A 196 31.31 -20.78 -6.18
N PHE A 197 30.39 -21.31 -5.37
CA PHE A 197 29.09 -21.69 -5.91
C PHE A 197 28.37 -20.48 -6.49
N LEU A 198 28.43 -19.35 -5.79
CA LEU A 198 27.77 -18.12 -6.26
C LEU A 198 28.34 -17.68 -7.59
N VAL A 199 29.68 -17.64 -7.69
CA VAL A 199 30.30 -17.21 -8.94
C VAL A 199 30.02 -18.20 -10.06
N ASP A 200 29.97 -19.49 -9.73
CA ASP A 200 29.64 -20.48 -10.76
C ASP A 200 28.23 -20.29 -11.28
N LEU A 201 27.30 -19.90 -10.41
CA LEU A 201 25.96 -19.55 -10.88
C LEU A 201 26.01 -18.45 -11.92
N ILE A 202 26.89 -17.46 -11.73
CA ILE A 202 27.04 -16.39 -12.70
C ILE A 202 27.78 -16.89 -13.94
N LYS A 203 28.82 -17.71 -13.74
CA LYS A 203 29.56 -18.27 -14.87
C LYS A 203 28.64 -19.06 -15.80
N ASN A 204 27.66 -19.77 -15.23
CA ASN A 204 26.73 -20.59 -16.00
C ASN A 204 25.47 -19.84 -16.39
N LYS A 205 25.45 -18.52 -16.20
CA LYS A 205 24.36 -17.64 -16.66
C LYS A 205 23.05 -17.91 -15.93
N HIS A 206 23.12 -18.42 -14.70
CA HIS A 206 21.93 -18.56 -13.89
C HIS A 206 21.64 -17.32 -13.06
N MET A 207 22.63 -16.45 -12.90
CA MET A 207 22.45 -15.12 -12.32
C MET A 207 23.33 -14.15 -13.07
N ASN A 208 23.03 -12.86 -12.90
CA ASN A 208 23.75 -11.77 -13.54
C ASN A 208 24.43 -10.95 -12.44
N ALA A 209 25.74 -10.73 -12.59
CA ALA A 209 26.52 -10.07 -11.55
C ALA A 209 26.02 -8.67 -11.23
N ASP A 210 25.28 -8.05 -12.15
CA ASP A 210 24.80 -6.69 -11.96
C ASP A 210 23.49 -6.60 -11.18
N THR A 211 22.82 -7.71 -10.95
CA THR A 211 21.52 -7.68 -10.29
C THR A 211 21.65 -7.09 -8.89
N ASP A 212 20.81 -6.11 -8.59
CA ASP A 212 20.81 -5.46 -7.29
C ASP A 212 19.42 -5.50 -6.67
N TYR A 213 19.18 -4.66 -5.66
CA TYR A 213 17.91 -4.72 -4.95
C TYR A 213 16.75 -4.37 -5.88
N SER A 214 16.88 -3.25 -6.61
CA SER A 214 15.76 -2.77 -7.42
C SER A 214 15.48 -3.70 -8.60
N ILE A 215 16.52 -4.21 -9.24
CA ILE A 215 16.33 -5.13 -10.37
C ILE A 215 15.64 -6.40 -9.91
N ALA A 216 16.10 -6.96 -8.78
CA ALA A 216 15.52 -8.20 -8.29
C ALA A 216 14.08 -8.00 -7.82
N GLU A 217 13.79 -6.88 -7.14
CA GLU A 217 12.44 -6.66 -6.65
C GLU A 217 11.45 -6.50 -7.80
N ALA A 218 11.83 -5.74 -8.83
CA ALA A 218 10.94 -5.57 -9.97
C ALA A 218 10.70 -6.90 -10.68
N ALA A 219 11.75 -7.71 -10.85
CA ALA A 219 11.60 -8.96 -11.57
C ALA A 219 10.67 -9.92 -10.84
N PHE A 220 10.78 -9.99 -9.51
CA PHE A 220 9.89 -10.90 -8.79
C PHE A 220 8.45 -10.39 -8.78
N ASN A 221 8.26 -9.09 -8.54
CA ASN A 221 6.91 -8.56 -8.42
C ASN A 221 6.19 -8.51 -9.76
N LYS A 222 6.92 -8.62 -10.88
CA LYS A 222 6.34 -8.72 -12.21
C LYS A 222 6.19 -10.16 -12.68
N GLY A 223 6.50 -11.14 -11.84
CA GLY A 223 6.36 -12.53 -12.22
C GLY A 223 7.38 -13.02 -13.22
N GLU A 224 8.52 -12.35 -13.33
CA GLU A 224 9.55 -12.74 -14.29
C GLU A 224 10.51 -13.79 -13.73
N THR A 225 10.75 -13.77 -12.42
CA THR A 225 11.60 -14.75 -11.77
C THR A 225 10.80 -15.48 -10.71
N ALA A 226 11.15 -16.76 -10.50
CA ALA A 226 10.38 -17.60 -9.60
C ALA A 226 10.71 -17.38 -8.14
N MET A 227 11.88 -16.83 -7.84
CA MET A 227 12.31 -16.69 -6.46
C MET A 227 13.12 -15.42 -6.29
N THR A 228 13.10 -14.90 -5.07
CA THR A 228 14.00 -13.84 -4.65
C THR A 228 14.36 -14.12 -3.20
N ILE A 229 15.30 -13.35 -2.67
CA ILE A 229 15.69 -13.43 -1.27
C ILE A 229 15.53 -12.04 -0.67
N ASN A 230 14.72 -11.93 0.38
CA ASN A 230 14.45 -10.61 0.96
C ASN A 230 13.82 -10.81 2.33
N GLY A 231 13.67 -9.68 3.04
CA GLY A 231 13.17 -9.70 4.39
C GLY A 231 11.73 -9.21 4.48
N PRO A 232 11.17 -9.24 5.70
CA PRO A 232 9.76 -8.88 5.88
C PRO A 232 9.44 -7.44 5.51
N TRP A 233 10.43 -6.55 5.50
CA TRP A 233 10.20 -5.18 5.05
C TRP A 233 9.73 -5.11 3.60
N ALA A 234 9.97 -6.17 2.82
CA ALA A 234 9.62 -6.19 1.41
C ALA A 234 8.23 -6.76 1.13
N TRP A 235 7.57 -7.34 2.14
CA TRP A 235 6.32 -8.05 1.89
C TRP A 235 5.21 -7.12 1.40
N SER A 236 5.17 -5.88 1.91
CA SER A 236 4.12 -4.95 1.51
C SER A 236 4.13 -4.70 0.00
N ASN A 237 5.32 -4.52 -0.57
CA ASN A 237 5.41 -4.31 -2.01
C ASN A 237 4.94 -5.53 -2.80
N ILE A 238 5.26 -6.73 -2.32
CA ILE A 238 4.80 -7.93 -3.02
C ILE A 238 3.29 -8.06 -2.89
N ASP A 239 2.72 -7.62 -1.76
CA ASP A 239 1.27 -7.60 -1.63
C ASP A 239 0.64 -6.73 -2.70
N THR A 240 1.19 -5.54 -2.92
CA THR A 240 0.66 -4.62 -3.92
C THR A 240 0.76 -5.22 -5.32
N SER A 241 1.78 -6.04 -5.57
CA SER A 241 1.96 -6.61 -6.90
C SER A 241 0.98 -7.74 -7.19
N LYS A 242 0.33 -8.28 -6.16
CA LYS A 242 -0.64 -9.37 -6.23
C LYS A 242 -0.01 -10.69 -6.65
N VAL A 243 1.32 -10.79 -6.65
CA VAL A 243 1.97 -12.07 -6.92
C VAL A 243 1.60 -13.05 -5.81
N ASN A 244 1.24 -14.27 -6.20
CA ASN A 244 0.84 -15.30 -5.24
C ASN A 244 2.10 -15.92 -4.65
N TYR A 245 2.67 -15.23 -3.65
CA TYR A 245 3.99 -15.60 -3.15
C TYR A 245 3.90 -16.37 -1.84
N GLY A 246 4.98 -17.11 -1.57
CA GLY A 246 5.18 -17.71 -0.27
C GLY A 246 6.55 -17.34 0.27
N VAL A 247 6.76 -17.64 1.55
CA VAL A 247 8.00 -17.33 2.24
C VAL A 247 8.42 -18.58 3.01
N THR A 248 9.66 -19.03 2.80
CA THR A 248 10.08 -20.31 3.34
C THR A 248 11.56 -20.27 3.74
N VAL A 249 12.02 -21.42 4.25
CA VAL A 249 13.41 -21.55 4.68
C VAL A 249 14.34 -21.34 3.49
N LEU A 250 15.46 -20.66 3.75
CA LEU A 250 16.46 -20.47 2.72
C LEU A 250 17.00 -21.83 2.26
N PRO A 251 17.49 -21.93 1.02
CA PRO A 251 18.05 -23.20 0.56
C PRO A 251 19.30 -23.58 1.34
N THR A 252 19.51 -24.89 1.49
CA THR A 252 20.73 -25.36 2.11
C THR A 252 21.87 -25.39 1.09
N PHE A 253 23.10 -25.37 1.59
CA PHE A 253 24.28 -25.52 0.76
C PHE A 253 25.18 -26.58 1.39
N LYS A 254 25.54 -27.59 0.59
CA LYS A 254 26.31 -28.74 1.08
C LYS A 254 25.64 -29.36 2.32
N GLY A 255 24.32 -29.39 2.31
CA GLY A 255 23.54 -29.98 3.37
C GLY A 255 23.41 -29.14 4.62
N GLN A 256 23.92 -27.91 4.61
CA GLN A 256 23.91 -27.06 5.79
C GLN A 256 23.04 -25.83 5.53
N PRO A 257 22.40 -25.30 6.57
CA PRO A 257 21.50 -24.15 6.36
C PRO A 257 22.26 -22.91 5.91
N SER A 258 21.61 -22.11 5.06
CA SER A 258 22.06 -20.75 4.85
C SER A 258 21.92 -19.98 6.15
N LYS A 259 22.86 -19.08 6.42
CA LYS A 259 22.96 -18.43 7.73
C LYS A 259 22.82 -16.93 7.57
N PRO A 260 21.61 -16.39 7.61
CA PRO A 260 21.43 -14.94 7.46
C PRO A 260 21.76 -14.19 8.74
N PHE A 261 22.11 -12.92 8.57
CA PHE A 261 22.27 -12.03 9.71
C PHE A 261 20.90 -11.71 10.31
N VAL A 262 20.88 -11.53 11.63
CA VAL A 262 19.64 -11.31 12.37
C VAL A 262 19.67 -9.93 12.99
N GLY A 263 18.62 -9.16 12.74
CA GLY A 263 18.43 -7.84 13.34
C GLY A 263 17.32 -7.92 14.38
N VAL A 264 17.55 -7.28 15.53
CA VAL A 264 16.63 -7.35 16.67
C VAL A 264 16.25 -5.92 17.01
N LEU A 265 15.04 -5.52 16.64
CA LEU A 265 14.50 -4.26 17.12
C LEU A 265 14.43 -4.31 18.63
N SER A 266 15.06 -3.33 19.28
CA SER A 266 15.24 -3.37 20.72
C SER A 266 14.87 -2.03 21.34
N ALA A 267 14.56 -2.07 22.63
CA ALA A 267 14.14 -0.89 23.39
C ALA A 267 15.18 -0.63 24.48
N GLY A 268 15.94 0.45 24.33
CA GLY A 268 16.92 0.84 25.31
C GLY A 268 16.42 1.96 26.20
N ILE A 269 16.99 2.05 27.40
CA ILE A 269 16.64 3.06 28.39
C ILE A 269 17.77 4.08 28.43
N ASN A 270 17.43 5.35 28.22
CA ASN A 270 18.40 6.43 28.23
C ASN A 270 19.10 6.50 29.58
N ALA A 271 20.44 6.54 29.55
CA ALA A 271 21.23 6.64 30.77
C ALA A 271 20.87 7.90 31.57
N ALA A 272 20.43 8.94 30.88
CA ALA A 272 20.06 10.19 31.55
C ALA A 272 18.65 10.18 32.12
N SER A 273 17.88 9.11 31.90
CA SER A 273 16.49 9.12 32.34
C SER A 273 16.38 9.02 33.86
N PRO A 274 15.61 9.89 34.50
CA PRO A 274 15.27 9.71 35.91
C PRO A 274 14.07 8.80 36.13
N ASN A 275 13.64 8.08 35.09
CA ASN A 275 12.46 7.23 35.13
C ASN A 275 12.79 5.78 34.77
N LYS A 276 13.99 5.32 35.15
CA LYS A 276 14.45 4.01 34.70
C LYS A 276 13.56 2.88 35.20
N GLU A 277 13.06 2.98 36.44
CA GLU A 277 12.19 1.93 36.96
C GLU A 277 10.82 1.95 36.29
N LEU A 278 10.31 3.15 35.99
CA LEU A 278 9.07 3.27 35.23
C LEU A 278 9.22 2.66 33.84
N ALA A 279 10.34 2.93 33.16
CA ALA A 279 10.57 2.36 31.85
C ALA A 279 10.64 0.84 31.89
N LYS A 280 11.30 0.30 32.93
CA LYS A 280 11.33 -1.15 33.11
C LYS A 280 9.93 -1.72 33.28
N GLU A 281 9.10 -1.04 34.07
CA GLU A 281 7.74 -1.51 34.31
C GLU A 281 6.91 -1.48 33.03
N PHE A 282 7.01 -0.39 32.27
CA PHE A 282 6.30 -0.31 31.00
C PHE A 282 6.75 -1.39 30.04
N LEU A 283 8.07 -1.55 29.88
CA LEU A 283 8.57 -2.48 28.87
C LEU A 283 8.30 -3.94 29.26
N GLU A 284 8.50 -4.29 30.53
CA GLU A 284 8.35 -5.69 30.92
C GLU A 284 6.90 -6.09 31.08
N ASN A 285 6.08 -5.25 31.69
CA ASN A 285 4.75 -5.65 32.11
C ASN A 285 3.64 -5.17 31.19
N TYR A 286 3.93 -4.26 30.26
CA TYR A 286 2.91 -3.76 29.34
C TYR A 286 3.26 -4.03 27.88
N LEU A 287 4.47 -3.68 27.44
CA LEU A 287 4.80 -3.88 26.03
C LEU A 287 5.11 -5.34 25.72
N LEU A 288 6.03 -5.95 26.46
CA LEU A 288 6.44 -7.32 26.21
C LEU A 288 5.45 -8.32 26.83
N THR A 289 4.19 -8.14 26.43
CA THR A 289 3.11 -9.07 26.70
C THR A 289 2.44 -9.38 25.37
N ASP A 290 1.59 -10.42 25.35
CA ASP A 290 0.82 -10.71 24.14
C ASP A 290 -0.03 -9.52 23.74
N GLU A 291 -0.72 -8.92 24.72
CA GLU A 291 -1.60 -7.79 24.41
C GLU A 291 -0.83 -6.59 23.90
N GLY A 292 0.35 -6.32 24.48
CA GLY A 292 1.11 -5.14 24.08
C GLY A 292 1.69 -5.28 22.70
N LEU A 293 2.34 -6.41 22.42
CA LEU A 293 2.88 -6.61 21.08
C LEU A 293 1.78 -6.70 20.03
N GLU A 294 0.62 -7.24 20.39
CA GLU A 294 -0.50 -7.26 19.46
C GLU A 294 -0.93 -5.86 19.07
N ALA A 295 -1.00 -4.94 20.04
CA ALA A 295 -1.37 -3.56 19.74
C ALA A 295 -0.40 -2.94 18.73
N VAL A 296 0.90 -3.13 18.95
CA VAL A 296 1.88 -2.59 18.02
C VAL A 296 1.77 -3.29 16.67
N ASN A 297 1.61 -4.60 16.69
CA ASN A 297 1.59 -5.39 15.46
C ASN A 297 0.37 -5.07 14.61
N LYS A 298 -0.78 -4.82 15.25
CA LYS A 298 -1.99 -4.45 14.51
C LYS A 298 -1.83 -3.10 13.81
N ASP A 299 -1.02 -2.20 14.37
CA ASP A 299 -0.76 -0.91 13.74
C ASP A 299 0.17 -1.08 12.53
N LYS A 300 1.34 -1.67 12.75
CA LYS A 300 2.33 -2.00 11.72
C LYS A 300 2.91 -3.36 12.11
N PRO A 301 2.86 -4.36 11.23
CA PRO A 301 3.39 -5.68 11.61
C PRO A 301 4.85 -5.60 12.01
N LEU A 302 5.17 -6.26 13.13
CA LEU A 302 6.55 -6.36 13.62
C LEU A 302 7.36 -7.45 12.92
N GLY A 303 6.71 -8.36 12.19
CA GLY A 303 7.35 -9.57 11.72
C GLY A 303 7.39 -10.61 12.82
N ALA A 304 8.53 -11.26 13.00
CA ALA A 304 8.71 -12.16 14.14
C ALA A 304 9.06 -11.34 15.39
N VAL A 305 8.77 -11.92 16.56
CA VAL A 305 8.97 -11.20 17.82
C VAL A 305 9.80 -12.04 18.78
N ALA A 306 10.39 -11.34 19.76
CA ALA A 306 11.29 -11.98 20.72
C ALA A 306 10.53 -12.65 21.86
N LEU A 307 9.27 -12.28 22.09
CA LEU A 307 8.45 -12.87 23.13
C LEU A 307 7.95 -14.22 22.66
N LYS A 308 8.32 -15.29 23.38
CA LYS A 308 8.00 -16.66 22.95
C LYS A 308 6.49 -16.84 22.77
N SER A 309 5.70 -16.38 23.75
CA SER A 309 4.26 -16.65 23.73
C SER A 309 3.60 -16.02 22.50
N TYR A 310 3.92 -14.76 22.21
CA TYR A 310 3.28 -14.11 21.07
C TYR A 310 3.87 -14.59 19.75
N GLU A 311 5.14 -14.99 19.72
CA GLU A 311 5.71 -15.54 18.49
C GLU A 311 5.00 -16.83 18.09
N GLU A 312 4.66 -17.66 19.07
CA GLU A 312 3.93 -18.88 18.76
C GLU A 312 2.59 -18.58 18.11
N GLU A 313 1.95 -17.48 18.51
CA GLU A 313 0.71 -17.05 17.86
C GLU A 313 0.98 -16.51 16.46
N LEU A 314 1.94 -15.59 16.33
CA LEU A 314 2.25 -15.03 15.03
C LEU A 314 2.73 -16.08 14.04
N ALA A 315 3.42 -17.11 14.51
CA ALA A 315 3.99 -18.12 13.61
C ALA A 315 2.92 -18.99 12.95
N LYS A 316 1.64 -18.82 13.28
CA LYS A 316 0.59 -19.46 12.49
C LYS A 316 0.64 -18.97 11.04
N ASP A 317 1.15 -17.77 10.83
CA ASP A 317 1.52 -17.24 9.52
C ASP A 317 2.83 -17.89 9.10
N PRO A 318 2.81 -18.73 8.06
CA PRO A 318 4.05 -19.42 7.65
C PRO A 318 5.17 -18.48 7.25
N ARG A 319 4.85 -17.26 6.81
CA ARG A 319 5.89 -16.28 6.51
C ARG A 319 6.68 -15.92 7.76
N ILE A 320 5.98 -15.76 8.89
CA ILE A 320 6.63 -15.42 10.14
C ILE A 320 7.37 -16.62 10.70
N ALA A 321 6.77 -17.81 10.61
CA ALA A 321 7.49 -19.02 11.03
C ALA A 321 8.79 -19.16 10.26
N ALA A 322 8.76 -18.89 8.96
CA ALA A 322 9.97 -18.97 8.14
C ALA A 322 10.99 -17.92 8.57
N THR A 323 10.53 -16.71 8.85
CA THR A 323 11.44 -15.66 9.30
C THR A 323 12.19 -16.10 10.56
N MET A 324 11.47 -16.66 11.54
CA MET A 324 12.13 -17.07 12.77
C MET A 324 13.00 -18.30 12.55
N GLU A 325 12.56 -19.24 11.71
CA GLU A 325 13.39 -20.41 11.42
C GLU A 325 14.71 -19.99 10.79
N ASN A 326 14.67 -19.09 9.81
CA ASN A 326 15.89 -18.61 9.19
C ASN A 326 16.74 -17.83 10.19
N ALA A 327 16.10 -17.03 11.06
CA ALA A 327 16.88 -16.26 12.03
C ALA A 327 17.58 -17.19 13.02
N GLN A 328 16.90 -18.27 13.44
CA GLN A 328 17.52 -19.17 14.40
C GLN A 328 18.62 -20.00 13.78
N LYS A 329 18.62 -20.16 12.46
CA LYS A 329 19.70 -20.80 11.73
C LYS A 329 20.81 -19.83 11.33
N GLY A 330 20.65 -18.54 11.62
CA GLY A 330 21.60 -17.53 11.24
C GLY A 330 22.46 -17.04 12.39
N GLU A 331 22.97 -15.81 12.24
CA GLU A 331 23.89 -15.22 13.19
C GLU A 331 23.43 -13.81 13.52
N ILE A 332 23.46 -13.46 14.81
CA ILE A 332 23.16 -12.11 15.24
C ILE A 332 24.13 -11.15 14.56
N MET A 333 23.62 -10.03 14.07
CA MET A 333 24.51 -9.03 13.49
C MET A 333 25.41 -8.47 14.59
N PRO A 334 26.73 -8.58 14.47
CA PRO A 334 27.60 -8.13 15.57
C PRO A 334 27.43 -6.65 15.86
N ASN A 335 27.39 -6.32 17.16
CA ASN A 335 27.25 -4.94 17.62
C ASN A 335 28.60 -4.28 17.92
N ILE A 336 29.70 -4.88 17.47
CA ILE A 336 31.04 -4.38 17.79
C ILE A 336 31.54 -3.53 16.62
N PRO A 337 32.38 -2.52 16.87
CA PRO A 337 32.80 -1.64 15.77
C PRO A 337 33.64 -2.32 14.71
N GLN A 338 34.28 -3.45 15.03
CA GLN A 338 35.10 -4.14 14.03
C GLN A 338 34.27 -4.68 12.87
N MET A 339 32.96 -4.76 13.02
CA MET A 339 32.11 -5.27 11.95
C MET A 339 32.01 -4.30 10.77
N SER A 340 32.31 -3.02 10.99
CA SER A 340 32.18 -2.04 9.92
C SER A 340 33.07 -2.39 8.73
N ALA A 341 34.34 -2.73 9.00
CA ALA A 341 35.26 -3.07 7.93
C ALA A 341 34.82 -4.33 7.18
N PHE A 342 34.04 -5.20 7.81
CA PHE A 342 33.58 -6.41 7.16
C PHE A 342 32.69 -6.09 5.97
N TRP A 343 31.68 -5.24 6.19
CA TRP A 343 30.72 -4.94 5.14
C TRP A 343 31.42 -4.37 3.91
N TYR A 344 32.34 -3.43 4.10
CA TYR A 344 32.96 -2.76 2.97
C TYR A 344 33.97 -3.68 2.26
N ALA A 345 34.71 -4.47 3.03
CA ALA A 345 35.69 -5.37 2.42
C ALA A 345 35.02 -6.49 1.64
N VAL A 346 33.99 -7.11 2.23
CA VAL A 346 33.33 -8.23 1.56
C VAL A 346 32.53 -7.74 0.37
N ARG A 347 31.97 -6.52 0.44
CA ARG A 347 31.27 -5.95 -0.71
C ARG A 347 32.19 -5.89 -1.91
N THR A 348 33.41 -5.39 -1.71
CA THR A 348 34.38 -5.35 -2.80
C THR A 348 34.74 -6.76 -3.26
N ALA A 349 34.93 -7.68 -2.33
CA ALA A 349 35.38 -9.04 -2.67
C ALA A 349 34.36 -9.74 -3.55
N VAL A 350 33.08 -9.68 -3.17
CA VAL A 350 32.05 -10.35 -3.95
C VAL A 350 31.91 -9.71 -5.32
N ILE A 351 31.88 -8.37 -5.37
CA ILE A 351 31.81 -7.68 -6.66
C ILE A 351 32.96 -8.11 -7.55
N ASN A 352 34.18 -8.18 -6.99
CA ASN A 352 35.34 -8.52 -7.80
C ASN A 352 35.29 -9.98 -8.27
N ALA A 353 34.82 -10.88 -7.41
CA ALA A 353 34.73 -12.28 -7.83
C ALA A 353 33.62 -12.48 -8.85
N ALA A 354 32.48 -11.82 -8.64
CA ALA A 354 31.32 -12.03 -9.50
C ALA A 354 31.54 -11.45 -10.89
N SER A 355 32.33 -10.38 -11.00
CA SER A 355 32.61 -9.76 -12.29
C SER A 355 33.86 -10.32 -12.95
N GLY A 356 34.59 -11.21 -12.28
CA GLY A 356 35.78 -11.79 -12.86
C GLY A 356 37.02 -10.94 -12.77
N ARG A 357 37.02 -9.89 -11.94
CA ARG A 357 38.21 -9.08 -11.76
C ARG A 357 39.24 -9.79 -10.88
N GLN A 358 38.78 -10.60 -9.93
CA GLN A 358 39.64 -11.44 -9.11
C GLN A 358 39.07 -12.85 -9.09
N THR A 359 39.93 -13.82 -8.82
CA THR A 359 39.42 -15.14 -8.50
C THR A 359 38.77 -15.12 -7.12
N VAL A 360 38.05 -16.20 -6.80
CA VAL A 360 37.42 -16.32 -5.50
C VAL A 360 38.47 -16.28 -4.39
N ASP A 361 39.55 -17.06 -4.55
CA ASP A 361 40.56 -17.12 -3.51
C ASP A 361 41.27 -15.78 -3.33
N GLU A 362 41.56 -15.08 -4.43
CA GLU A 362 42.19 -13.77 -4.34
C GLU A 362 41.28 -12.76 -3.65
N ALA A 363 40.00 -12.75 -4.03
CA ALA A 363 39.07 -11.75 -3.50
C ALA A 363 38.88 -11.93 -2.00
N LEU A 364 38.64 -13.16 -1.54
CA LEU A 364 38.45 -13.38 -0.11
C LEU A 364 39.73 -13.17 0.67
N LYS A 365 40.89 -13.41 0.05
CA LYS A 365 42.15 -13.15 0.72
C LYS A 365 42.29 -11.65 1.02
N ASP A 366 42.00 -10.81 0.03
CA ASP A 366 42.05 -9.36 0.24
C ASP A 366 41.01 -8.92 1.26
N ALA A 367 39.86 -9.61 1.33
CA ALA A 367 38.79 -9.22 2.25
C ALA A 367 39.16 -9.56 3.69
N GLN A 368 39.71 -10.76 3.91
CA GLN A 368 40.32 -11.03 5.21
C GLN A 368 41.47 -10.06 5.49
N THR A 369 42.07 -9.48 4.45
CA THR A 369 43.19 -8.54 4.61
C THR A 369 42.69 -7.11 4.57
N LYS B 4 -21.30 17.28 35.28
CA LYS B 4 -21.47 17.59 33.87
C LYS B 4 -20.14 17.45 33.12
N ILE B 5 -20.03 18.17 32.00
CA ILE B 5 -18.84 18.10 31.15
C ILE B 5 -17.80 19.08 31.67
N GLU B 6 -16.58 18.59 31.87
CA GLU B 6 -15.53 19.40 32.49
C GLU B 6 -15.15 20.58 31.61
N GLU B 7 -15.03 21.74 32.23
CA GLU B 7 -14.66 22.96 31.53
C GLU B 7 -13.14 23.06 31.44
N GLY B 8 -12.64 23.51 30.30
CA GLY B 8 -11.22 23.72 30.11
C GLY B 8 -10.46 22.55 29.50
N LYS B 9 -11.16 21.56 28.96
CA LYS B 9 -10.52 20.46 28.25
C LYS B 9 -11.49 19.98 27.19
N LEU B 10 -11.01 19.07 26.34
CA LEU B 10 -11.84 18.47 25.29
C LEU B 10 -11.87 16.96 25.47
N VAL B 11 -13.07 16.40 25.50
CA VAL B 11 -13.29 14.96 25.44
C VAL B 11 -13.94 14.65 24.11
N ILE B 12 -13.36 13.70 23.38
CA ILE B 12 -13.78 13.37 22.02
C ILE B 12 -14.15 11.90 21.98
N TRP B 13 -15.33 11.61 21.42
CA TRP B 13 -15.79 10.23 21.23
C TRP B 13 -15.82 9.92 19.74
N ILE B 14 -15.21 8.79 19.37
CA ILE B 14 -15.16 8.30 18.00
C ILE B 14 -15.20 6.78 18.05
N ASN B 15 -15.76 6.16 17.02
CA ASN B 15 -15.98 4.72 17.05
C ASN B 15 -14.66 3.96 16.97
N GLY B 16 -14.68 2.73 17.49
CA GLY B 16 -13.47 1.93 17.64
C GLY B 16 -12.90 1.39 16.34
N ASP B 17 -13.61 1.54 15.22
CA ASP B 17 -13.08 1.15 13.93
C ASP B 17 -12.41 2.30 13.19
N LYS B 18 -12.30 3.46 13.82
CA LYS B 18 -11.68 4.65 13.24
C LYS B 18 -10.28 4.85 13.82
N GLY B 19 -9.53 5.77 13.20
CA GLY B 19 -8.17 6.05 13.61
C GLY B 19 -8.07 6.91 14.86
N TYR B 20 -8.48 6.36 16.01
CA TYR B 20 -8.56 7.18 17.22
C TYR B 20 -7.20 7.52 17.80
N ASN B 21 -6.17 6.73 17.52
CA ASN B 21 -4.82 7.11 17.97
C ASN B 21 -4.27 8.25 17.11
N GLY B 22 -4.54 8.23 15.80
CA GLY B 22 -4.17 9.37 14.98
C GLY B 22 -4.90 10.64 15.40
N LEU B 23 -6.18 10.52 15.73
CA LEU B 23 -6.92 11.67 16.22
C LEU B 23 -6.33 12.18 17.53
N ALA B 24 -5.88 11.26 18.40
CA ALA B 24 -5.22 11.66 19.63
C ALA B 24 -3.91 12.40 19.35
N GLU B 25 -3.24 12.09 18.24
CA GLU B 25 -2.04 12.83 17.87
C GLU B 25 -2.37 14.27 17.50
N VAL B 26 -3.52 14.48 16.84
CA VAL B 26 -4.00 15.83 16.58
C VAL B 26 -4.31 16.52 17.90
N GLY B 27 -4.92 15.79 18.84
CA GLY B 27 -5.17 16.36 20.15
C GLY B 27 -3.90 16.74 20.88
N LYS B 28 -2.84 15.93 20.73
CA LYS B 28 -1.57 16.26 21.35
C LYS B 28 -1.00 17.56 20.78
N LYS B 29 -1.11 17.76 19.47
CA LYS B 29 -0.63 19.00 18.87
C LYS B 29 -1.44 20.18 19.40
N PHE B 30 -2.76 20.03 19.53
CA PHE B 30 -3.59 21.09 20.07
C PHE B 30 -3.15 21.46 21.49
N GLU B 31 -2.89 20.46 22.33
CA GLU B 31 -2.46 20.73 23.70
C GLU B 31 -1.10 21.44 23.73
N LYS B 32 -0.21 21.07 22.81
CA LYS B 32 1.11 21.69 22.79
C LYS B 32 1.05 23.17 22.46
N ASP B 33 0.02 23.60 21.70
CA ASP B 33 -0.11 25.01 21.36
C ASP B 33 -0.91 25.79 22.39
N THR B 34 -1.92 25.17 23.01
CA THR B 34 -2.90 25.86 23.83
C THR B 34 -2.90 25.46 25.29
N GLY B 35 -2.22 24.37 25.66
CA GLY B 35 -2.34 23.82 27.00
C GLY B 35 -3.63 23.11 27.28
N ILE B 36 -4.53 22.98 26.30
CA ILE B 36 -5.82 22.32 26.49
C ILE B 36 -5.65 20.82 26.27
N LYS B 37 -5.91 20.04 27.32
CA LYS B 37 -5.82 18.59 27.21
C LYS B 37 -6.96 18.06 26.35
N VAL B 38 -6.63 17.12 25.46
CA VAL B 38 -7.60 16.51 24.56
C VAL B 38 -7.55 15.00 24.79
N THR B 39 -8.67 14.43 25.21
CA THR B 39 -8.78 12.99 25.46
C THR B 39 -9.69 12.39 24.40
N VAL B 40 -9.17 11.43 23.65
CA VAL B 40 -9.93 10.72 22.62
C VAL B 40 -10.27 9.34 23.16
N GLU B 41 -11.55 9.01 23.19
CA GLU B 41 -12.01 7.71 23.66
C GLU B 41 -12.88 7.08 22.58
N HIS B 42 -12.96 5.74 22.64
CA HIS B 42 -13.84 4.96 21.75
C HIS B 42 -14.72 4.06 22.61
N PRO B 43 -15.76 4.61 23.23
CA PRO B 43 -16.57 3.82 24.15
C PRO B 43 -17.35 2.74 23.42
N ASP B 44 -17.59 1.64 24.14
CA ASP B 44 -18.41 0.57 23.60
C ASP B 44 -19.86 1.05 23.47
N LYS B 45 -20.55 0.51 22.46
CA LYS B 45 -21.95 0.88 22.17
C LYS B 45 -22.08 2.38 21.97
N LEU B 46 -21.12 2.99 21.27
CA LEU B 46 -21.08 4.44 21.15
C LEU B 46 -22.32 4.98 20.46
N GLU B 47 -22.88 4.23 19.50
CA GLU B 47 -24.01 4.73 18.74
C GLU B 47 -25.20 5.04 19.65
N GLU B 48 -25.46 4.19 20.63
CA GLU B 48 -26.55 4.40 21.57
C GLU B 48 -26.11 5.08 22.86
N LYS B 49 -24.81 5.06 23.17
CA LYS B 49 -24.34 5.66 24.41
C LYS B 49 -24.43 7.19 24.34
N PHE B 50 -23.97 7.79 23.24
CA PHE B 50 -23.98 9.25 23.16
C PHE B 50 -25.38 9.84 23.34
N PRO B 51 -26.42 9.40 22.62
CA PRO B 51 -27.74 10.02 22.82
C PRO B 51 -28.27 9.83 24.22
N GLN B 52 -27.93 8.73 24.89
CA GLN B 52 -28.34 8.53 26.26
C GLN B 52 -27.63 9.51 27.20
N VAL B 53 -26.32 9.64 27.04
CA VAL B 53 -25.55 10.48 27.95
C VAL B 53 -25.71 11.96 27.61
N ALA B 54 -25.86 12.30 26.32
CA ALA B 54 -26.01 13.71 25.95
C ALA B 54 -27.34 14.27 26.42
N ALA B 55 -28.42 13.49 26.33
CA ALA B 55 -29.71 13.94 26.84
C ALA B 55 -29.66 14.15 28.34
N THR B 56 -28.80 13.42 29.04
CA THR B 56 -28.58 13.63 30.46
C THR B 56 -27.88 14.96 30.74
N GLY B 57 -27.19 15.52 29.76
CA GLY B 57 -26.36 16.68 29.96
C GLY B 57 -24.90 16.34 30.19
N ASP B 58 -24.48 15.13 29.86
CA ASP B 58 -23.12 14.65 30.11
C ASP B 58 -22.51 14.18 28.79
N GLY B 59 -21.33 13.56 28.86
CA GLY B 59 -20.72 12.99 27.69
C GLY B 59 -19.56 13.80 27.14
N PRO B 60 -19.22 13.57 25.87
CA PRO B 60 -18.09 14.24 25.26
C PRO B 60 -18.43 15.63 24.75
N ASP B 61 -17.39 16.43 24.52
CA ASP B 61 -17.59 17.72 23.85
C ASP B 61 -17.84 17.53 22.37
N ILE B 62 -17.17 16.55 21.76
CA ILE B 62 -17.21 16.31 20.33
C ILE B 62 -17.54 14.84 20.11
N ILE B 63 -18.47 14.56 19.20
CA ILE B 63 -18.84 13.20 18.83
C ILE B 63 -18.65 13.03 17.32
N PHE B 64 -18.02 11.93 16.94
CA PHE B 64 -17.84 11.57 15.53
C PHE B 64 -18.81 10.45 15.17
N TRP B 65 -19.56 10.64 14.09
CA TRP B 65 -20.43 9.59 13.58
C TRP B 65 -20.90 9.97 12.18
N ALA B 66 -21.40 8.96 11.47
CA ALA B 66 -22.03 9.21 10.18
C ALA B 66 -23.19 10.19 10.32
N HIS B 67 -23.38 11.00 9.27
CA HIS B 67 -24.29 12.15 9.36
C HIS B 67 -25.75 11.74 9.52
N ASP B 68 -26.13 10.58 8.99
CA ASP B 68 -27.55 10.21 9.00
C ASP B 68 -28.08 10.08 10.42
N ARG B 69 -27.25 9.61 11.34
CA ARG B 69 -27.66 9.48 12.73
C ARG B 69 -27.67 10.82 13.45
N PHE B 70 -26.96 11.83 12.93
CA PHE B 70 -26.99 13.16 13.54
C PHE B 70 -28.34 13.85 13.36
N GLY B 71 -29.11 13.46 12.35
CA GLY B 71 -30.46 13.99 12.21
C GLY B 71 -31.34 13.64 13.39
N GLY B 72 -31.20 12.41 13.90
CA GLY B 72 -31.89 12.03 15.12
C GLY B 72 -31.37 12.70 16.37
N TYR B 73 -30.22 13.36 16.29
CA TYR B 73 -29.63 14.08 17.42
C TYR B 73 -29.98 15.55 17.43
N ALA B 74 -30.01 16.19 16.26
CA ALA B 74 -30.31 17.63 16.20
C ALA B 74 -31.76 17.90 16.59
N GLN B 75 -32.68 16.98 16.29
CA GLN B 75 -34.06 17.15 16.72
C GLN B 75 -34.20 16.96 18.22
N SER B 76 -33.45 16.02 18.79
CA SER B 76 -33.43 15.84 20.24
C SER B 76 -32.68 16.95 20.96
N GLY B 77 -32.18 17.96 20.25
CA GLY B 77 -31.50 19.07 20.89
C GLY B 77 -30.12 18.75 21.42
N LEU B 78 -29.49 17.68 20.94
CA LEU B 78 -28.23 17.22 21.50
C LEU B 78 -27.00 17.83 20.83
N LEU B 79 -27.14 18.45 19.67
CA LEU B 79 -26.01 18.99 18.94
C LEU B 79 -26.11 20.50 18.85
N ALA B 80 -24.98 21.17 19.08
CA ALA B 80 -24.91 22.61 18.98
C ALA B 80 -24.81 23.04 17.51
N GLU B 81 -25.43 24.16 17.19
CA GLU B 81 -25.26 24.75 15.87
C GLU B 81 -23.83 25.28 15.73
N ILE B 82 -23.18 24.95 14.63
CA ILE B 82 -21.81 25.37 14.40
C ILE B 82 -21.81 26.62 13.54
N THR B 83 -20.72 27.39 13.63
CA THR B 83 -20.63 28.72 13.01
C THR B 83 -19.34 28.88 12.22
N PRO B 84 -19.12 28.08 11.17
CA PRO B 84 -17.97 28.33 10.29
C PRO B 84 -18.26 29.49 9.34
N ASP B 85 -17.27 30.37 9.17
CA ASP B 85 -17.43 31.48 8.26
C ASP B 85 -17.31 30.99 6.81
N LYS B 86 -17.54 31.90 5.85
CA LYS B 86 -17.51 31.51 4.45
C LYS B 86 -16.15 30.99 4.04
N ALA B 87 -15.08 31.62 4.53
CA ALA B 87 -13.73 31.19 4.16
C ALA B 87 -13.50 29.73 4.54
N PHE B 88 -14.04 29.30 5.69
CA PHE B 88 -13.87 27.90 6.05
C PHE B 88 -14.83 27.00 5.27
N GLN B 89 -16.08 27.44 5.08
CA GLN B 89 -17.04 26.61 4.36
C GLN B 89 -16.57 26.32 2.94
N ASP B 90 -15.93 27.29 2.29
CA ASP B 90 -15.41 27.08 0.94
C ASP B 90 -14.26 26.09 0.90
N LYS B 91 -13.66 25.73 2.04
CA LYS B 91 -12.58 24.75 2.06
C LYS B 91 -13.07 23.33 1.89
N LEU B 92 -14.37 23.09 2.04
CA LEU B 92 -14.95 21.76 1.92
C LEU B 92 -15.87 21.71 0.71
N TYR B 93 -16.06 20.51 0.18
CA TYR B 93 -16.95 20.35 -0.95
C TYR B 93 -18.36 20.76 -0.55
N PRO B 94 -19.06 21.55 -1.35
CA PRO B 94 -20.36 22.08 -0.92
C PRO B 94 -21.37 21.01 -0.54
N PHE B 95 -21.38 19.88 -1.23
CA PHE B 95 -22.39 18.87 -0.93
C PHE B 95 -22.21 18.24 0.44
N THR B 96 -21.01 18.32 1.02
CA THR B 96 -20.83 17.76 2.36
C THR B 96 -21.51 18.62 3.43
N TRP B 97 -21.68 19.92 3.17
CA TRP B 97 -22.43 20.75 4.11
C TRP B 97 -23.91 20.38 4.11
N ASP B 98 -24.42 19.86 2.98
CA ASP B 98 -25.81 19.43 2.94
C ASP B 98 -26.05 18.22 3.84
N ALA B 99 -25.03 17.40 4.06
CA ALA B 99 -25.18 16.24 4.93
C ALA B 99 -25.32 16.63 6.40
N VAL B 100 -24.88 17.82 6.78
CA VAL B 100 -24.85 18.22 8.18
C VAL B 100 -25.83 19.36 8.43
N ARG B 101 -26.91 19.40 7.65
CA ARG B 101 -27.96 20.40 7.81
C ARG B 101 -29.19 19.75 8.45
N TYR B 102 -29.73 20.43 9.47
CA TYR B 102 -30.99 20.01 10.07
C TYR B 102 -31.79 21.26 10.42
N ASN B 103 -32.99 21.38 9.87
CA ASN B 103 -33.85 22.55 10.04
C ASN B 103 -33.13 23.83 9.62
N GLY B 104 -32.34 23.73 8.55
CA GLY B 104 -31.68 24.89 7.98
C GLY B 104 -30.45 25.37 8.72
N LYS B 105 -30.00 24.64 9.74
CA LYS B 105 -28.82 25.02 10.51
C LYS B 105 -27.77 23.92 10.45
N LEU B 106 -26.51 24.33 10.32
CA LEU B 106 -25.40 23.38 10.34
C LEU B 106 -25.21 22.84 11.74
N ILE B 107 -25.09 21.51 11.86
CA ILE B 107 -25.03 20.89 13.19
C ILE B 107 -23.80 20.00 13.35
N ALA B 108 -22.89 20.02 12.37
CA ALA B 108 -21.68 19.21 12.48
C ALA B 108 -20.70 19.60 11.39
N TYR B 109 -19.43 19.24 11.61
CA TYR B 109 -18.38 19.45 10.61
C TYR B 109 -18.19 18.19 9.80
N PRO B 110 -18.29 18.25 8.47
CA PRO B 110 -17.99 17.07 7.65
C PRO B 110 -16.51 16.70 7.76
N ILE B 111 -16.23 15.39 7.80
CA ILE B 111 -14.86 14.91 7.90
C ILE B 111 -14.50 14.03 6.70
N ALA B 112 -15.20 12.89 6.56
CA ALA B 112 -14.92 11.92 5.51
C ALA B 112 -16.16 11.67 4.67
N VAL B 113 -15.93 11.17 3.45
CA VAL B 113 -16.98 10.98 2.46
C VAL B 113 -16.89 9.55 1.92
N GLU B 114 -18.01 8.84 1.89
CA GLU B 114 -18.03 7.49 1.34
C GLU B 114 -19.22 7.30 0.42
N ALA B 115 -19.04 6.42 -0.56
CA ALA B 115 -20.07 6.03 -1.51
C ALA B 115 -19.65 4.73 -2.18
N LEU B 116 -20.63 4.04 -2.75
CA LEU B 116 -20.35 2.83 -3.51
C LEU B 116 -19.59 3.14 -4.78
N SER B 117 -18.76 2.20 -5.22
CA SER B 117 -18.11 2.26 -6.51
C SER B 117 -18.21 0.91 -7.18
N LEU B 118 -17.89 0.89 -8.48
CA LEU B 118 -17.77 -0.36 -9.21
C LEU B 118 -16.37 -0.92 -8.99
N ILE B 119 -16.30 -2.14 -8.46
CA ILE B 119 -15.04 -2.83 -8.22
C ILE B 119 -14.93 -3.97 -9.24
N TYR B 120 -13.79 -4.08 -9.91
CA TYR B 120 -13.65 -5.03 -11.01
C TYR B 120 -12.33 -5.76 -10.93
N ASN B 121 -12.32 -6.98 -11.46
CA ASN B 121 -11.13 -7.84 -11.50
C ASN B 121 -10.37 -7.53 -12.80
N LYS B 122 -9.18 -6.96 -12.66
CA LYS B 122 -8.42 -6.53 -13.83
C LYS B 122 -8.00 -7.70 -14.69
N ASP B 123 -7.77 -8.88 -14.10
CA ASP B 123 -7.34 -10.03 -14.88
C ASP B 123 -8.47 -10.59 -15.73
N LEU B 124 -9.68 -10.60 -15.19
CA LEU B 124 -10.84 -11.07 -15.95
C LEU B 124 -11.40 -9.99 -16.86
N LEU B 125 -11.20 -8.73 -16.51
CA LEU B 125 -11.89 -7.62 -17.18
C LEU B 125 -11.06 -6.36 -17.04
N PRO B 126 -10.03 -6.21 -17.88
CA PRO B 126 -9.19 -5.00 -17.79
C PRO B 126 -9.92 -3.73 -18.21
N ASN B 127 -11.03 -3.85 -18.93
CA ASN B 127 -11.82 -2.69 -19.38
C ASN B 127 -13.25 -2.85 -18.88
N PRO B 128 -13.55 -2.35 -17.68
CA PRO B 128 -14.90 -2.52 -17.15
C PRO B 128 -15.89 -1.66 -17.92
N PRO B 129 -17.16 -2.05 -17.95
CA PRO B 129 -18.13 -1.35 -18.78
C PRO B 129 -18.53 -0.01 -18.20
N LYS B 130 -18.84 0.93 -19.10
CA LYS B 130 -19.31 2.25 -18.70
C LYS B 130 -20.82 2.31 -18.50
N THR B 131 -21.58 1.36 -19.03
CA THR B 131 -23.03 1.37 -18.93
C THR B 131 -23.54 0.07 -18.33
N TRP B 132 -24.67 0.16 -17.63
CA TRP B 132 -25.37 -1.06 -17.21
C TRP B 132 -25.80 -1.88 -18.40
N GLU B 133 -26.10 -1.23 -19.53
CA GLU B 133 -26.69 -1.92 -20.67
C GLU B 133 -25.75 -2.95 -21.28
N GLU B 134 -24.43 -2.77 -21.09
CA GLU B 134 -23.45 -3.71 -21.63
C GLU B 134 -23.31 -4.96 -20.78
N ILE B 135 -23.88 -4.98 -19.57
CA ILE B 135 -23.62 -6.08 -18.65
C ILE B 135 -24.16 -7.42 -19.16
N PRO B 136 -25.37 -7.50 -19.75
CA PRO B 136 -25.82 -8.81 -20.25
C PRO B 136 -24.87 -9.46 -21.25
N ALA B 137 -24.44 -8.72 -22.27
CA ALA B 137 -23.50 -9.28 -23.24
C ALA B 137 -22.17 -9.62 -22.58
N LEU B 138 -21.74 -8.81 -21.62
CA LEU B 138 -20.50 -9.11 -20.91
C LEU B 138 -20.62 -10.38 -20.09
N ASP B 139 -21.80 -10.61 -19.49
CA ASP B 139 -22.00 -11.81 -18.69
C ASP B 139 -22.02 -13.06 -19.57
N LYS B 140 -22.56 -12.96 -20.78
CA LYS B 140 -22.55 -14.09 -21.68
C LYS B 140 -21.13 -14.57 -21.96
N GLU B 141 -20.20 -13.64 -22.17
CA GLU B 141 -18.83 -14.02 -22.48
C GLU B 141 -18.12 -14.60 -21.27
N LEU B 142 -18.39 -14.06 -20.07
CA LEU B 142 -17.75 -14.58 -18.88
C LEU B 142 -18.35 -15.90 -18.42
N LYS B 143 -19.67 -16.09 -18.62
CA LYS B 143 -20.28 -17.39 -18.37
C LYS B 143 -19.63 -18.48 -19.21
N ALA B 144 -19.20 -18.15 -20.43
CA ALA B 144 -18.49 -19.10 -21.28
C ALA B 144 -17.16 -19.54 -20.69
N LYS B 145 -16.64 -18.81 -19.70
CA LYS B 145 -15.39 -19.14 -19.05
C LYS B 145 -15.58 -19.66 -17.63
N GLY B 146 -16.81 -20.00 -17.26
CA GLY B 146 -17.08 -20.48 -15.91
C GLY B 146 -17.18 -19.39 -14.88
N LYS B 147 -17.35 -18.15 -15.30
CA LYS B 147 -17.39 -16.99 -14.41
C LYS B 147 -18.73 -16.28 -14.56
N SER B 148 -18.80 -15.06 -14.01
CA SER B 148 -19.95 -14.19 -14.21
C SER B 148 -19.45 -12.75 -14.28
N ALA B 149 -20.29 -11.87 -14.83
CA ALA B 149 -19.92 -10.47 -14.98
C ALA B 149 -19.99 -9.72 -13.65
N LEU B 150 -21.11 -9.86 -12.93
CA LEU B 150 -21.39 -8.96 -11.81
C LEU B 150 -22.15 -9.68 -10.71
N MET B 151 -21.64 -9.59 -9.48
CA MET B 151 -22.36 -10.04 -8.30
C MET B 151 -22.23 -8.97 -7.22
N PHE B 152 -23.36 -8.51 -6.70
CA PHE B 152 -23.38 -7.57 -5.59
C PHE B 152 -24.64 -7.81 -4.77
N ASN B 153 -24.64 -7.24 -3.56
CA ASN B 153 -25.72 -7.41 -2.59
C ASN B 153 -27.05 -6.86 -3.09
N LEU B 154 -27.96 -7.74 -3.49
CA LEU B 154 -29.27 -7.31 -3.97
C LEU B 154 -30.28 -7.12 -2.85
N GLN B 155 -29.93 -7.46 -1.61
CA GLN B 155 -30.89 -7.52 -0.53
C GLN B 155 -31.12 -6.17 0.16
N GLU B 156 -30.21 -5.22 -0.02
CA GLU B 156 -30.36 -3.92 0.63
C GLU B 156 -30.57 -2.82 -0.41
N PRO B 157 -31.58 -1.98 -0.25
CA PRO B 157 -31.76 -0.87 -1.19
C PRO B 157 -30.56 0.04 -1.30
N TYR B 158 -29.74 0.12 -0.25
CA TYR B 158 -28.51 0.90 -0.32
C TYR B 158 -27.66 0.49 -1.53
N PHE B 159 -27.69 -0.79 -1.89
CA PHE B 159 -26.90 -1.28 -3.02
C PHE B 159 -27.64 -1.21 -4.35
N THR B 160 -28.96 -1.38 -4.35
CA THR B 160 -29.73 -1.42 -5.59
C THR B 160 -30.27 -0.06 -6.00
N TRP B 161 -30.44 0.87 -5.06
CA TRP B 161 -30.96 2.18 -5.39
C TRP B 161 -30.12 2.98 -6.38
N PRO B 162 -28.77 2.90 -6.38
CA PRO B 162 -28.02 3.69 -7.38
C PRO B 162 -28.47 3.45 -8.81
N LEU B 163 -28.87 2.22 -9.13
CA LEU B 163 -29.44 1.94 -10.46
C LEU B 163 -30.87 2.44 -10.57
N ILE B 164 -31.69 2.19 -9.55
CA ILE B 164 -33.09 2.61 -9.58
C ILE B 164 -33.21 4.12 -9.61
N ALA B 165 -32.28 4.83 -8.97
CA ALA B 165 -32.32 6.28 -8.92
C ALA B 165 -31.75 6.94 -10.18
N ALA B 166 -31.03 6.18 -11.01
CA ALA B 166 -30.28 6.78 -12.11
C ALA B 166 -31.18 7.56 -13.06
N ASP B 167 -32.36 7.03 -13.38
CA ASP B 167 -33.24 7.65 -14.36
C ASP B 167 -34.26 8.59 -13.72
N GLY B 168 -34.33 8.67 -12.40
CA GLY B 168 -35.21 9.64 -11.78
C GLY B 168 -35.77 9.28 -10.42
N GLY B 169 -35.44 8.09 -9.91
CA GLY B 169 -35.91 7.72 -8.59
C GLY B 169 -35.25 8.52 -7.49
N TYR B 170 -35.98 8.72 -6.40
CA TYR B 170 -35.44 9.43 -5.25
C TYR B 170 -36.27 9.08 -4.02
N ALA B 171 -35.62 9.20 -2.86
CA ALA B 171 -36.31 8.91 -1.59
C ALA B 171 -37.27 10.04 -1.23
N PHE B 172 -36.74 11.23 -0.96
CA PHE B 172 -37.54 12.40 -0.64
C PHE B 172 -37.02 13.59 -1.44
N LYS B 173 -37.94 14.39 -1.94
CA LYS B 173 -37.54 15.57 -2.72
C LYS B 173 -36.75 16.53 -1.86
N TYR B 174 -35.56 16.89 -2.33
CA TYR B 174 -34.62 17.71 -1.58
C TYR B 174 -34.48 19.06 -2.27
N GLU B 175 -35.02 20.10 -1.65
CA GLU B 175 -34.98 21.45 -2.20
C GLU B 175 -34.77 22.46 -1.08
N ASN B 176 -33.79 23.35 -1.28
CA ASN B 176 -33.48 24.42 -0.33
C ASN B 176 -33.12 23.88 1.05
N GLY B 177 -32.44 22.73 1.07
CA GLY B 177 -31.95 22.17 2.31
C GLY B 177 -32.99 21.47 3.16
N LYS B 178 -34.18 21.24 2.64
CA LYS B 178 -35.21 20.51 3.37
C LYS B 178 -35.75 19.38 2.50
N TYR B 179 -36.20 18.31 3.16
CA TYR B 179 -36.78 17.16 2.49
C TYR B 179 -38.30 17.27 2.53
N ASP B 180 -38.93 17.22 1.36
CA ASP B 180 -40.38 17.23 1.29
C ASP B 180 -40.87 15.81 1.53
N ILE B 181 -41.33 15.55 2.76
CA ILE B 181 -41.74 14.20 3.13
C ILE B 181 -43.00 13.74 2.42
N LYS B 182 -43.68 14.64 1.72
CA LYS B 182 -44.89 14.29 0.97
C LYS B 182 -44.61 14.01 -0.50
N ASP B 183 -43.37 14.16 -0.95
CA ASP B 183 -42.97 13.93 -2.34
C ASP B 183 -41.87 12.88 -2.36
N VAL B 184 -42.28 11.62 -2.47
CA VAL B 184 -41.34 10.51 -2.54
C VAL B 184 -41.33 9.97 -3.96
N GLY B 185 -40.13 9.64 -4.46
CA GLY B 185 -39.98 9.21 -5.83
C GLY B 185 -39.71 7.73 -5.97
N VAL B 186 -40.43 6.91 -5.19
CA VAL B 186 -40.31 5.46 -5.31
C VAL B 186 -41.14 4.94 -6.49
N ASP B 187 -42.15 5.68 -6.92
CA ASP B 187 -43.13 5.19 -7.89
C ASP B 187 -43.02 5.84 -9.25
N ASN B 188 -42.10 6.78 -9.45
CA ASN B 188 -42.06 7.53 -10.71
C ASN B 188 -41.49 6.68 -11.84
N ALA B 189 -41.37 7.29 -13.02
CA ALA B 189 -40.98 6.55 -14.21
C ALA B 189 -39.53 6.09 -14.14
N GLY B 190 -38.64 6.94 -13.64
CA GLY B 190 -37.23 6.56 -13.54
C GLY B 190 -37.01 5.38 -12.61
N ALA B 191 -37.78 5.33 -11.52
CA ALA B 191 -37.65 4.22 -10.58
C ALA B 191 -38.16 2.92 -11.20
N LYS B 192 -39.24 3.00 -11.97
CA LYS B 192 -39.75 1.81 -12.66
C LYS B 192 -38.71 1.28 -13.66
N ALA B 193 -38.10 2.18 -14.43
CA ALA B 193 -37.14 1.76 -15.43
C ALA B 193 -35.92 1.10 -14.78
N GLY B 194 -35.40 1.70 -13.70
CA GLY B 194 -34.23 1.13 -13.05
C GLY B 194 -34.48 -0.25 -12.49
N LEU B 195 -35.61 -0.43 -11.79
CA LEU B 195 -35.91 -1.72 -11.19
C LEU B 195 -36.29 -2.75 -12.25
N THR B 196 -36.96 -2.33 -13.33
CA THR B 196 -37.26 -3.26 -14.41
C THR B 196 -35.98 -3.82 -15.02
N PHE B 197 -34.97 -2.96 -15.23
CA PHE B 197 -33.70 -3.44 -15.76
C PHE B 197 -33.04 -4.42 -14.79
N LEU B 198 -33.15 -4.15 -13.48
CA LEU B 198 -32.56 -5.04 -12.49
C LEU B 198 -33.22 -6.41 -12.53
N VAL B 199 -34.56 -6.44 -12.56
CA VAL B 199 -35.27 -7.71 -12.60
C VAL B 199 -35.01 -8.42 -13.91
N ASP B 200 -34.86 -7.67 -15.01
CA ASP B 200 -34.55 -8.29 -16.30
C ASP B 200 -33.20 -8.99 -16.28
N LEU B 201 -32.24 -8.45 -15.52
CA LEU B 201 -30.95 -9.11 -15.38
C LEU B 201 -31.10 -10.46 -14.69
N ILE B 202 -32.01 -10.54 -13.71
CA ILE B 202 -32.27 -11.81 -13.05
C ILE B 202 -33.06 -12.74 -13.96
N LYS B 203 -34.05 -12.19 -14.68
CA LYS B 203 -34.83 -13.00 -15.62
C LYS B 203 -33.94 -13.70 -16.63
N ASN B 204 -32.96 -12.98 -17.17
CA ASN B 204 -32.02 -13.56 -18.12
C ASN B 204 -30.85 -14.26 -17.44
N LYS B 205 -30.94 -14.43 -16.13
CA LYS B 205 -29.99 -15.24 -15.35
C LYS B 205 -28.57 -14.68 -15.40
N HIS B 206 -28.46 -13.35 -15.46
CA HIS B 206 -27.17 -12.70 -15.30
C HIS B 206 -26.88 -12.33 -13.86
N MET B 207 -27.91 -12.33 -13.00
CA MET B 207 -27.73 -12.25 -11.56
C MET B 207 -28.73 -13.19 -10.91
N ASN B 208 -28.48 -13.50 -9.65
CA ASN B 208 -29.32 -14.38 -8.86
C ASN B 208 -30.00 -13.58 -7.75
N ALA B 209 -31.32 -13.76 -7.61
CA ALA B 209 -32.09 -12.98 -6.65
C ALA B 209 -31.63 -13.22 -5.21
N ASP B 210 -30.97 -14.34 -4.93
CA ASP B 210 -30.54 -14.64 -3.57
C ASP B 210 -29.20 -14.01 -3.21
N THR B 211 -28.50 -13.40 -4.17
CA THR B 211 -27.16 -12.89 -3.91
C THR B 211 -27.20 -11.78 -2.87
N ASP B 212 -26.40 -11.95 -1.81
CA ASP B 212 -26.34 -10.95 -0.75
C ASP B 212 -24.90 -10.48 -0.54
N TYR B 213 -24.62 -9.85 0.60
CA TYR B 213 -23.29 -9.30 0.84
C TYR B 213 -22.24 -10.41 0.84
N SER B 214 -22.47 -11.46 1.62
CA SER B 214 -21.45 -12.50 1.78
C SER B 214 -21.23 -13.28 0.51
N ILE B 215 -22.31 -13.58 -0.23
CA ILE B 215 -22.15 -14.32 -1.48
C ILE B 215 -21.36 -13.50 -2.49
N ALA B 216 -21.67 -12.21 -2.61
CA ALA B 216 -20.97 -11.36 -3.57
C ALA B 216 -19.52 -11.16 -3.17
N GLU B 217 -19.27 -10.92 -1.87
CA GLU B 217 -17.90 -10.70 -1.43
C GLU B 217 -17.03 -11.94 -1.63
N ALA B 218 -17.57 -13.12 -1.30
CA ALA B 218 -16.81 -14.35 -1.48
C ALA B 218 -16.52 -14.61 -2.94
N ALA B 219 -17.51 -14.39 -3.81
CA ALA B 219 -17.34 -14.67 -5.23
C ALA B 219 -16.31 -13.74 -5.86
N PHE B 220 -16.33 -12.45 -5.49
CA PHE B 220 -15.35 -11.55 -6.08
C PHE B 220 -13.95 -11.83 -5.54
N ASN B 221 -13.83 -12.07 -4.25
CA ASN B 221 -12.51 -12.28 -3.67
C ASN B 221 -11.94 -13.65 -4.00
N LYS B 222 -12.74 -14.55 -4.55
CA LYS B 222 -12.24 -15.82 -5.05
C LYS B 222 -12.10 -15.83 -6.57
N GLY B 223 -12.25 -14.68 -7.22
CA GLY B 223 -12.07 -14.59 -8.66
C GLY B 223 -13.13 -15.27 -9.48
N GLU B 224 -14.34 -15.43 -8.94
CA GLU B 224 -15.40 -16.12 -9.66
C GLU B 224 -16.30 -15.17 -10.44
N THR B 225 -16.33 -13.89 -10.09
CA THR B 225 -17.08 -12.89 -10.81
C THR B 225 -16.15 -11.72 -11.14
N ALA B 226 -16.41 -11.07 -12.27
CA ALA B 226 -15.51 -10.03 -12.74
C ALA B 226 -15.73 -8.70 -12.05
N MET B 227 -16.92 -8.47 -11.48
CA MET B 227 -17.26 -7.18 -10.90
C MET B 227 -18.11 -7.38 -9.64
N THR B 228 -18.01 -6.40 -8.76
CA THR B 228 -18.94 -6.26 -7.64
C THR B 228 -19.19 -4.78 -7.40
N ILE B 229 -20.09 -4.48 -6.48
CA ILE B 229 -20.37 -3.11 -6.08
C ILE B 229 -20.24 -3.05 -4.57
N ASN B 230 -19.32 -2.22 -4.09
CA ASN B 230 -19.10 -2.13 -2.65
C ASN B 230 -18.40 -0.81 -2.36
N GLY B 231 -18.21 -0.53 -1.06
CA GLY B 231 -17.60 0.69 -0.62
C GLY B 231 -16.17 0.50 -0.14
N PRO B 232 -15.53 1.58 0.29
CA PRO B 232 -14.12 1.47 0.71
C PRO B 232 -13.90 0.59 1.92
N TRP B 233 -14.93 0.37 2.73
CA TRP B 233 -14.83 -0.54 3.86
C TRP B 233 -14.50 -1.97 3.43
N ALA B 234 -14.68 -2.30 2.15
CA ALA B 234 -14.45 -3.65 1.66
C ALA B 234 -13.07 -3.87 1.07
N TRP B 235 -12.30 -2.80 0.87
CA TRP B 235 -11.03 -2.94 0.17
C TRP B 235 -10.05 -3.82 0.93
N SER B 236 -10.09 -3.78 2.26
CA SER B 236 -9.14 -4.54 3.08
C SER B 236 -9.27 -6.04 2.82
N ASN B 237 -10.49 -6.54 2.69
CA ASN B 237 -10.66 -7.98 2.44
C ASN B 237 -10.20 -8.34 1.03
N ILE B 238 -10.39 -7.46 0.05
CA ILE B 238 -9.92 -7.78 -1.29
C ILE B 238 -8.41 -7.76 -1.35
N ASP B 239 -7.77 -6.91 -0.54
CA ASP B 239 -6.31 -6.89 -0.46
C ASP B 239 -5.78 -8.26 -0.04
N THR B 240 -6.38 -8.85 0.99
CA THR B 240 -5.93 -10.15 1.47
C THR B 240 -6.20 -11.27 0.47
N SER B 241 -7.20 -11.10 -0.40
CA SER B 241 -7.50 -12.12 -1.39
C SER B 241 -6.48 -12.15 -2.52
N LYS B 242 -5.70 -11.09 -2.67
CA LYS B 242 -4.71 -10.89 -3.74
C LYS B 242 -5.34 -10.84 -5.13
N VAL B 243 -6.67 -10.67 -5.22
CA VAL B 243 -7.29 -10.38 -6.49
C VAL B 243 -6.75 -9.06 -7.02
N ASN B 244 -6.41 -9.04 -8.31
CA ASN B 244 -5.91 -7.83 -8.97
C ASN B 244 -7.10 -6.96 -9.35
N TYR B 245 -7.53 -6.12 -8.41
CA TYR B 245 -8.78 -5.37 -8.56
C TYR B 245 -8.52 -3.89 -8.79
N GLY B 246 -9.51 -3.24 -9.41
CA GLY B 246 -9.56 -1.81 -9.51
C GLY B 246 -10.90 -1.29 -9.04
N VAL B 247 -10.98 0.03 -8.89
CA VAL B 247 -12.19 0.71 -8.43
C VAL B 247 -12.46 1.88 -9.36
N THR B 248 -13.70 1.99 -9.85
CA THR B 248 -14.00 2.97 -10.89
C THR B 248 -15.42 3.49 -10.73
N VAL B 249 -15.80 4.40 -11.63
CA VAL B 249 -17.12 5.01 -11.60
C VAL B 249 -18.18 3.95 -11.86
N LEU B 250 -19.33 4.11 -11.21
CA LEU B 250 -20.45 3.19 -11.42
C LEU B 250 -20.95 3.31 -12.87
N PRO B 251 -21.52 2.24 -13.42
CA PRO B 251 -22.03 2.31 -14.78
C PRO B 251 -23.23 3.25 -14.88
N THR B 252 -23.44 3.80 -16.07
CA THR B 252 -24.59 4.63 -16.31
C THR B 252 -25.79 3.77 -16.72
N PHE B 253 -26.97 4.34 -16.57
CA PHE B 253 -28.21 3.71 -17.00
C PHE B 253 -28.98 4.75 -17.81
N LYS B 254 -29.31 4.39 -19.05
CA LYS B 254 -29.95 5.31 -19.99
C LYS B 254 -29.15 6.61 -20.10
N GLY B 255 -27.83 6.47 -20.14
CA GLY B 255 -26.93 7.59 -20.29
C GLY B 255 -26.74 8.44 -19.06
N GLN B 256 -27.35 8.08 -17.93
CA GLN B 256 -27.28 8.92 -16.75
C GLN B 256 -26.53 8.20 -15.64
N PRO B 257 -25.79 8.93 -14.81
CA PRO B 257 -24.97 8.28 -13.79
C PRO B 257 -25.81 7.54 -12.76
N SER B 258 -25.28 6.43 -12.28
CA SER B 258 -25.83 5.82 -11.08
C SER B 258 -25.64 6.78 -9.92
N LYS B 259 -26.62 6.81 -9.01
CA LYS B 259 -26.67 7.78 -7.92
C LYS B 259 -26.62 7.05 -6.59
N PRO B 260 -25.43 6.74 -6.09
CA PRO B 260 -25.33 6.10 -4.77
C PRO B 260 -25.63 7.09 -3.65
N PHE B 261 -26.11 6.55 -2.53
CA PHE B 261 -26.21 7.36 -1.33
C PHE B 261 -24.82 7.73 -0.84
N VAL B 262 -24.72 8.89 -0.20
CA VAL B 262 -23.45 9.40 0.31
C VAL B 262 -23.52 9.44 1.82
N GLY B 263 -22.52 8.84 2.48
CA GLY B 263 -22.37 8.92 3.92
C GLY B 263 -21.20 9.82 4.26
N VAL B 264 -21.41 10.70 5.24
CA VAL B 264 -20.41 11.70 5.60
C VAL B 264 -20.11 11.55 7.09
N LEU B 265 -18.94 10.98 7.40
CA LEU B 265 -18.48 10.98 8.79
C LEU B 265 -18.34 12.41 9.26
N SER B 266 -18.98 12.73 10.39
CA SER B 266 -19.12 14.12 10.81
C SER B 266 -18.76 14.27 12.28
N ALA B 267 -18.37 15.49 12.64
CA ALA B 267 -17.96 15.82 14.00
C ALA B 267 -18.94 16.85 14.56
N GLY B 268 -19.75 16.43 15.52
CA GLY B 268 -20.73 17.30 16.14
C GLY B 268 -20.26 17.77 17.51
N ILE B 269 -20.76 18.93 17.91
CA ILE B 269 -20.46 19.51 19.21
C ILE B 269 -21.65 19.30 20.12
N ASN B 270 -21.40 18.68 21.29
CA ASN B 270 -22.45 18.41 22.26
C ASN B 270 -23.10 19.72 22.71
N ALA B 271 -24.43 19.77 22.63
CA ALA B 271 -25.15 20.97 23.04
C ALA B 271 -24.91 21.32 24.51
N ALA B 272 -24.50 20.35 25.33
CA ALA B 272 -24.23 20.59 26.73
C ALA B 272 -22.75 20.91 27.01
N SER B 273 -21.91 20.98 25.99
CA SER B 273 -20.50 21.22 26.21
C SER B 273 -20.29 22.68 26.63
N PRO B 274 -19.52 22.93 27.69
CA PRO B 274 -19.06 24.28 28.01
C PRO B 274 -17.79 24.69 27.27
N ASN B 275 -17.37 23.93 26.26
CA ASN B 275 -16.14 24.16 25.52
C ASN B 275 -16.41 24.32 24.02
N LYS B 276 -17.54 24.93 23.68
CA LYS B 276 -17.96 25.00 22.28
C LYS B 276 -16.95 25.76 21.43
N GLU B 277 -16.38 26.84 21.97
CA GLU B 277 -15.39 27.60 21.21
C GLU B 277 -14.09 26.84 21.06
N LEU B 278 -13.66 26.15 22.12
CA LEU B 278 -12.49 25.29 22.03
C LEU B 278 -12.70 24.19 21.00
N ALA B 279 -13.91 23.63 20.96
CA ALA B 279 -14.21 22.57 20.00
C ALA B 279 -14.16 23.09 18.57
N LYS B 280 -14.71 24.28 18.33
CA LYS B 280 -14.64 24.87 17.00
C LYS B 280 -13.20 25.10 16.58
N GLU B 281 -12.37 25.59 17.51
CA GLU B 281 -10.97 25.86 17.21
C GLU B 281 -10.22 24.58 16.86
N PHE B 282 -10.43 23.52 17.65
CA PHE B 282 -9.78 22.25 17.38
C PHE B 282 -10.20 21.68 16.02
N LEU B 283 -11.50 21.70 15.74
CA LEU B 283 -12.00 21.09 14.51
C LEU B 283 -11.59 21.88 13.28
N GLU B 284 -11.76 23.21 13.33
CA GLU B 284 -11.48 24.02 12.14
C GLU B 284 -9.99 24.21 11.91
N ASN B 285 -9.22 24.45 12.96
CA ASN B 285 -7.84 24.90 12.80
C ASN B 285 -6.82 23.78 13.00
N TYR B 286 -7.22 22.62 13.51
CA TYR B 286 -6.28 21.54 13.75
C TYR B 286 -6.66 20.26 13.02
N LEU B 287 -7.89 19.78 13.19
CA LEU B 287 -8.28 18.54 12.51
C LEU B 287 -8.51 18.74 11.03
N LEU B 288 -9.33 19.73 10.65
CA LEU B 288 -9.69 19.92 9.25
C LEU B 288 -8.60 20.73 8.52
N THR B 289 -7.39 20.17 8.58
CA THR B 289 -6.23 20.64 7.85
C THR B 289 -5.58 19.44 7.17
N ASP B 290 -4.64 19.71 6.28
CA ASP B 290 -3.93 18.59 5.63
C ASP B 290 -3.21 17.74 6.66
N GLU B 291 -2.51 18.38 7.59
CA GLU B 291 -1.74 17.63 8.58
C GLU B 291 -2.65 16.92 9.58
N GLY B 292 -3.79 17.54 9.93
CA GLY B 292 -4.71 16.89 10.85
C GLY B 292 -5.33 15.63 10.26
N LEU B 293 -5.84 15.73 9.03
CA LEU B 293 -6.45 14.56 8.41
C LEU B 293 -5.40 13.49 8.09
N GLU B 294 -4.18 13.92 7.74
CA GLU B 294 -3.11 12.97 7.48
C GLU B 294 -2.82 12.11 8.71
N ALA B 295 -2.80 12.73 9.90
CA ALA B 295 -2.49 12.00 11.11
C ALA B 295 -3.54 10.94 11.39
N VAL B 296 -4.82 11.28 11.18
CA VAL B 296 -5.88 10.30 11.35
C VAL B 296 -5.79 9.23 10.27
N ASN B 297 -5.60 9.65 9.02
CA ASN B 297 -5.59 8.74 7.88
C ASN B 297 -4.47 7.70 8.00
N LYS B 298 -3.31 8.12 8.52
CA LYS B 298 -2.18 7.21 8.65
C LYS B 298 -2.44 6.15 9.70
N ASP B 299 -3.29 6.46 10.68
CA ASP B 299 -3.70 5.47 11.67
C ASP B 299 -4.64 4.46 11.00
N LYS B 300 -5.82 4.93 10.58
CA LYS B 300 -6.73 4.12 9.79
C LYS B 300 -7.27 4.99 8.65
N PRO B 301 -7.22 4.51 7.42
CA PRO B 301 -7.57 5.37 6.27
C PRO B 301 -9.02 5.84 6.34
N LEU B 302 -9.22 7.11 6.02
CA LEU B 302 -10.54 7.71 6.03
C LEU B 302 -11.33 7.46 4.76
N GLY B 303 -10.68 6.95 3.70
CA GLY B 303 -11.28 6.95 2.38
C GLY B 303 -11.19 8.34 1.76
N ALA B 304 -12.26 8.81 1.12
CA ALA B 304 -12.30 10.18 0.66
C ALA B 304 -12.63 11.13 1.81
N VAL B 305 -12.27 12.40 1.65
CA VAL B 305 -12.45 13.38 2.72
C VAL B 305 -13.14 14.61 2.16
N ALA B 306 -13.78 15.36 3.07
CA ALA B 306 -14.52 16.56 2.72
C ALA B 306 -13.63 17.76 2.46
N LEU B 307 -12.40 17.76 2.96
CA LEU B 307 -11.48 18.88 2.79
C LEU B 307 -10.86 18.81 1.40
N LYS B 308 -11.07 19.85 0.59
CA LYS B 308 -10.65 19.81 -0.81
C LYS B 308 -9.15 19.59 -0.95
N SER B 309 -8.36 20.34 -0.17
CA SER B 309 -6.90 20.30 -0.36
C SER B 309 -6.34 18.91 -0.10
N TYR B 310 -6.77 18.25 0.99
CA TYR B 310 -6.25 16.92 1.26
C TYR B 310 -6.87 15.86 0.37
N GLU B 311 -8.13 16.04 -0.04
CA GLU B 311 -8.75 15.08 -0.96
C GLU B 311 -7.99 14.99 -2.26
N GLU B 312 -7.51 16.13 -2.78
CA GLU B 312 -6.74 16.11 -4.01
C GLU B 312 -5.45 15.31 -3.85
N GLU B 313 -4.89 15.28 -2.64
CA GLU B 313 -3.73 14.42 -2.41
C GLU B 313 -4.13 12.96 -2.32
N LEU B 314 -5.19 12.66 -1.56
CA LEU B 314 -5.65 11.29 -1.42
C LEU B 314 -6.13 10.72 -2.75
N ALA B 315 -6.74 11.56 -3.60
CA ALA B 315 -7.30 11.11 -4.87
C ALA B 315 -6.23 10.66 -5.87
N LYS B 316 -4.94 10.80 -5.53
CA LYS B 316 -3.90 10.17 -6.36
C LYS B 316 -4.06 8.66 -6.36
N ASP B 317 -4.64 8.10 -5.31
CA ASP B 317 -5.13 6.74 -5.30
C ASP B 317 -6.40 6.70 -6.14
N PRO B 318 -6.42 5.99 -7.28
CA PRO B 318 -7.61 6.01 -8.13
C PRO B 318 -8.85 5.43 -7.46
N ARG B 319 -8.68 4.58 -6.44
CA ARG B 319 -9.83 4.07 -5.72
C ARG B 319 -10.53 5.20 -4.96
N ILE B 320 -9.76 6.12 -4.40
CA ILE B 320 -10.34 7.25 -3.68
C ILE B 320 -10.95 8.25 -4.65
N ALA B 321 -10.27 8.51 -5.78
CA ALA B 321 -10.84 9.37 -6.81
C ALA B 321 -12.19 8.84 -7.27
N ALA B 322 -12.29 7.52 -7.46
CA ALA B 322 -13.57 6.94 -7.88
C ALA B 322 -14.62 7.09 -6.80
N THR B 323 -14.23 6.96 -5.54
CA THR B 323 -15.19 7.11 -4.45
C THR B 323 -15.81 8.50 -4.44
N MET B 324 -14.97 9.54 -4.55
CA MET B 324 -15.48 10.89 -4.58
C MET B 324 -16.30 11.16 -5.85
N GLU B 325 -15.87 10.62 -7.00
CA GLU B 325 -16.62 10.82 -8.23
C GLU B 325 -18.04 10.26 -8.11
N ASN B 326 -18.15 9.03 -7.60
CA ASN B 326 -19.47 8.45 -7.40
C ASN B 326 -20.28 9.21 -6.36
N ALA B 327 -19.61 9.71 -5.33
CA ALA B 327 -20.31 10.49 -4.30
C ALA B 327 -20.86 11.79 -4.89
N GLN B 328 -20.06 12.49 -5.70
CA GLN B 328 -20.51 13.74 -6.28
C GLN B 328 -21.68 13.54 -7.24
N LYS B 329 -21.76 12.36 -7.85
CA LYS B 329 -22.87 12.02 -8.74
C LYS B 329 -24.04 11.39 -7.99
N GLY B 330 -23.94 11.19 -6.69
CA GLY B 330 -24.95 10.51 -5.92
C GLY B 330 -25.87 11.46 -5.19
N GLU B 331 -26.45 10.97 -4.10
CA GLU B 331 -27.41 11.73 -3.30
C GLU B 331 -27.01 11.61 -1.84
N ILE B 332 -26.97 12.74 -1.13
CA ILE B 332 -26.75 12.69 0.30
C ILE B 332 -27.82 11.81 0.94
N MET B 333 -27.41 10.92 1.82
CA MET B 333 -28.38 10.10 2.53
C MET B 333 -29.21 10.99 3.45
N PRO B 334 -30.53 11.02 3.29
CA PRO B 334 -31.35 11.90 4.15
C PRO B 334 -31.21 11.53 5.61
N ASN B 335 -31.20 12.56 6.46
CA ASN B 335 -31.03 12.39 7.90
C ASN B 335 -32.34 12.45 8.67
N ILE B 336 -33.47 12.26 7.98
CA ILE B 336 -34.78 12.42 8.60
C ILE B 336 -35.28 11.06 9.07
N PRO B 337 -36.15 11.01 10.09
CA PRO B 337 -36.60 9.71 10.61
C PRO B 337 -37.40 8.89 9.62
N GLN B 338 -37.99 9.51 8.60
CA GLN B 338 -38.80 8.77 7.65
C GLN B 338 -37.98 7.85 6.74
N MET B 339 -36.65 7.97 6.75
CA MET B 339 -35.82 7.05 5.97
C MET B 339 -35.97 5.62 6.46
N SER B 340 -36.30 5.43 7.75
CA SER B 340 -36.50 4.09 8.28
C SER B 340 -37.60 3.36 7.53
N ALA B 341 -38.70 4.06 7.23
CA ALA B 341 -39.77 3.45 6.44
C ALA B 341 -39.34 3.23 4.99
N PHE B 342 -38.47 4.11 4.47
CA PHE B 342 -37.98 3.94 3.11
C PHE B 342 -37.15 2.67 2.98
N TRP B 343 -36.19 2.48 3.89
CA TRP B 343 -35.33 1.30 3.81
C TRP B 343 -36.15 0.02 3.89
N TYR B 344 -37.21 0.02 4.70
CA TYR B 344 -37.99 -1.20 4.92
C TYR B 344 -38.90 -1.49 3.74
N ALA B 345 -39.63 -0.50 3.27
CA ALA B 345 -40.57 -0.72 2.17
C ALA B 345 -39.86 -1.14 0.89
N VAL B 346 -38.75 -0.47 0.56
CA VAL B 346 -38.05 -0.77 -0.69
C VAL B 346 -37.37 -2.13 -0.60
N ARG B 347 -36.88 -2.52 0.57
CA ARG B 347 -36.24 -3.83 0.71
C ARG B 347 -37.22 -4.96 0.38
N THR B 348 -38.45 -4.85 0.87
CA THR B 348 -39.46 -5.86 0.55
C THR B 348 -39.85 -5.79 -0.93
N ALA B 349 -39.97 -4.58 -1.48
CA ALA B 349 -40.38 -4.43 -2.87
C ALA B 349 -39.38 -5.04 -3.84
N VAL B 350 -38.09 -4.82 -3.60
CA VAL B 350 -37.07 -5.38 -4.49
C VAL B 350 -37.02 -6.90 -4.34
N ILE B 351 -37.15 -7.40 -3.12
CA ILE B 351 -37.17 -8.85 -2.90
C ILE B 351 -38.36 -9.47 -3.60
N ASN B 352 -39.54 -8.87 -3.44
CA ASN B 352 -40.75 -9.42 -4.06
C ASN B 352 -40.66 -9.40 -5.58
N ALA B 353 -40.08 -8.33 -6.14
CA ALA B 353 -39.95 -8.25 -7.59
C ALA B 353 -38.88 -9.22 -8.09
N ALA B 354 -37.76 -9.33 -7.35
CA ALA B 354 -36.66 -10.18 -7.80
C ALA B 354 -36.99 -11.66 -7.68
N SER B 355 -37.79 -12.04 -6.68
CA SER B 355 -38.09 -13.44 -6.42
C SER B 355 -39.27 -13.97 -7.20
N GLY B 356 -39.97 -13.12 -7.97
CA GLY B 356 -41.11 -13.55 -8.75
C GLY B 356 -42.44 -13.52 -8.05
N ARG B 357 -42.49 -13.07 -6.79
CA ARG B 357 -43.74 -13.03 -6.05
C ARG B 357 -44.56 -11.78 -6.31
N GLN B 358 -44.08 -10.85 -7.13
CA GLN B 358 -44.75 -9.58 -7.34
C GLN B 358 -44.12 -8.89 -8.53
N THR B 359 -44.95 -8.28 -9.38
CA THR B 359 -44.40 -7.59 -10.53
C THR B 359 -43.72 -6.30 -10.09
N VAL B 360 -42.93 -5.72 -11.01
CA VAL B 360 -42.18 -4.51 -10.69
C VAL B 360 -43.12 -3.36 -10.32
N ASP B 361 -44.21 -3.20 -11.08
CA ASP B 361 -45.14 -2.11 -10.80
C ASP B 361 -45.89 -2.33 -9.50
N GLU B 362 -46.31 -3.56 -9.22
CA GLU B 362 -47.00 -3.86 -7.97
C GLU B 362 -46.08 -3.70 -6.78
N ALA B 363 -44.80 -4.05 -6.94
CA ALA B 363 -43.86 -3.95 -5.83
C ALA B 363 -43.60 -2.50 -5.44
N LEU B 364 -43.36 -1.63 -6.43
CA LEU B 364 -43.08 -0.23 -6.13
C LEU B 364 -44.32 0.51 -5.68
N LYS B 365 -45.50 0.15 -6.19
CA LYS B 365 -46.73 0.81 -5.76
C LYS B 365 -46.99 0.55 -4.28
N ASP B 366 -46.78 -0.69 -3.83
CA ASP B 366 -46.93 -0.98 -2.41
C ASP B 366 -45.90 -0.25 -1.57
N ALA B 367 -44.67 -0.12 -2.09
CA ALA B 367 -43.63 0.57 -1.34
C ALA B 367 -43.85 2.07 -1.29
N GLN B 368 -44.58 2.62 -2.27
CA GLN B 368 -44.77 4.06 -2.33
C GLN B 368 -45.62 4.56 -1.17
N THR B 369 -46.59 3.76 -0.73
CA THR B 369 -47.46 4.17 0.37
C THR B 369 -46.73 4.14 1.71
N PRO C 2 29.34 14.52 17.56
CA PRO C 2 28.54 14.88 16.39
C PRO C 2 28.50 13.76 15.35
N SER C 3 27.64 13.89 14.35
CA SER C 3 27.56 12.87 13.32
C SER C 3 28.89 12.74 12.58
N GLN C 4 29.24 11.51 12.22
CA GLN C 4 30.49 11.28 11.50
C GLN C 4 30.42 11.75 10.06
N VAL C 5 29.21 11.96 9.53
CA VAL C 5 29.00 12.45 8.17
C VAL C 5 28.07 13.65 8.26
N GLN C 6 28.39 14.69 7.51
CA GLN C 6 27.54 15.87 7.40
C GLN C 6 27.18 16.11 5.94
N LEU C 7 25.91 16.43 5.70
CA LEU C 7 25.41 16.72 4.37
C LEU C 7 24.79 18.12 4.38
N VAL C 8 25.14 18.93 3.38
CA VAL C 8 24.64 20.30 3.27
C VAL C 8 24.11 20.52 1.86
N GLU C 9 22.80 20.73 1.73
CA GLU C 9 22.19 21.05 0.45
C GLU C 9 22.27 22.54 0.18
N SER C 10 22.32 22.88 -1.11
CA SER C 10 22.18 24.26 -1.55
C SER C 10 21.59 24.24 -2.96
N GLY C 11 21.17 25.42 -3.42
CA GLY C 11 20.67 25.57 -4.77
C GLY C 11 19.19 25.83 -4.88
N GLY C 12 18.45 25.75 -3.79
CA GLY C 12 17.00 25.95 -3.86
C GLY C 12 16.63 27.30 -4.43
N GLY C 13 15.46 27.36 -5.04
CA GLY C 13 14.99 28.59 -5.65
C GLY C 13 13.62 28.38 -6.28
N SER C 14 13.16 29.43 -6.97
CA SER C 14 11.87 29.43 -7.64
C SER C 14 12.09 29.45 -9.15
N VAL C 15 11.30 28.64 -9.86
CA VAL C 15 11.42 28.49 -11.31
C VAL C 15 10.02 28.47 -11.91
N GLN C 16 9.86 29.12 -13.07
CA GLN C 16 8.62 28.96 -13.81
C GLN C 16 8.59 27.57 -14.47
N ALA C 17 7.38 27.01 -14.57
CA ALA C 17 7.20 25.68 -15.14
C ALA C 17 7.87 25.56 -16.50
N GLY C 18 8.60 24.46 -16.68
CA GLY C 18 9.38 24.21 -17.88
C GLY C 18 10.85 24.54 -17.75
N GLY C 19 11.23 25.34 -16.75
CA GLY C 19 12.61 25.72 -16.55
C GLY C 19 13.41 24.65 -15.82
N SER C 20 14.61 25.05 -15.38
CA SER C 20 15.55 24.11 -14.80
C SER C 20 16.19 24.73 -13.55
N LEU C 21 16.79 23.85 -12.75
CA LEU C 21 17.45 24.26 -11.52
C LEU C 21 18.37 23.14 -11.08
N ARG C 22 19.57 23.50 -10.59
CA ARG C 22 20.53 22.52 -10.13
C ARG C 22 20.69 22.63 -8.61
N LEU C 23 20.53 21.51 -7.93
CA LEU C 23 20.82 21.42 -6.50
C LEU C 23 22.15 20.70 -6.30
N SER C 24 22.79 20.98 -5.17
CA SER C 24 24.03 20.31 -4.83
C SER C 24 23.97 19.89 -3.37
N CYS C 25 24.75 18.87 -3.04
CA CYS C 25 24.82 18.35 -1.68
C CYS C 25 26.28 18.06 -1.36
N ALA C 26 26.85 18.81 -0.43
CA ALA C 26 28.24 18.66 -0.04
C ALA C 26 28.34 17.65 1.11
N ALA C 27 29.14 16.61 0.92
CA ALA C 27 29.32 15.56 1.91
C ALA C 27 30.70 15.69 2.54
N SER C 28 30.75 15.63 3.87
CA SER C 28 32.00 15.77 4.59
C SER C 28 32.01 14.85 5.80
N GLY C 29 33.21 14.63 6.33
CA GLY C 29 33.40 13.71 7.43
C GLY C 29 34.02 12.42 6.98
N GLN C 30 33.69 11.31 7.65
CA GLN C 30 34.24 10.00 7.29
C GLN C 30 33.30 9.37 6.26
N ILE C 31 33.54 9.72 4.99
CA ILE C 31 32.68 9.33 3.89
C ILE C 31 33.32 8.23 3.05
N GLU C 32 34.33 7.55 3.58
CA GLU C 32 35.08 6.58 2.79
C GLU C 32 34.21 5.43 2.32
N HIS C 33 33.17 5.07 3.09
CA HIS C 33 32.39 3.88 2.81
C HIS C 33 30.95 4.20 2.39
N ILE C 34 30.66 5.44 2.00
CA ILE C 34 29.31 5.78 1.54
C ILE C 34 29.06 5.09 0.21
N GLY C 35 28.07 4.19 0.19
CA GLY C 35 27.75 3.46 -1.02
C GLY C 35 26.48 3.96 -1.70
N TYR C 36 25.75 4.85 -1.04
CA TYR C 36 24.42 5.25 -1.50
C TYR C 36 24.18 6.71 -1.18
N LEU C 37 23.79 7.48 -2.20
CA LEU C 37 23.38 8.87 -2.05
C LEU C 37 22.01 9.03 -2.65
N GLY C 38 21.08 9.62 -1.91
CA GLY C 38 19.72 9.76 -2.38
C GLY C 38 19.23 11.19 -2.29
N TRP C 39 18.32 11.52 -3.19
CA TRP C 39 17.57 12.78 -3.16
C TRP C 39 16.12 12.47 -2.86
N PHE C 40 15.57 13.15 -1.85
CA PHE C 40 14.19 12.99 -1.44
C PHE C 40 13.54 14.37 -1.41
N ARG C 41 12.20 14.38 -1.39
CA ARG C 41 11.48 15.65 -1.31
C ARG C 41 10.22 15.48 -0.49
N GLN C 42 9.79 16.57 0.12
CA GLN C 42 8.59 16.54 0.94
C GLN C 42 7.90 17.90 0.85
N ALA C 43 6.64 17.88 0.49
CA ALA C 43 5.79 19.05 0.51
C ALA C 43 4.88 19.01 1.73
N PRO C 44 4.40 20.17 2.20
CA PRO C 44 3.48 20.18 3.34
C PRO C 44 2.28 19.28 3.10
N GLY C 45 1.93 18.51 4.13
CA GLY C 45 0.79 17.62 4.08
C GLY C 45 0.98 16.33 3.31
N LYS C 46 2.19 16.05 2.83
CA LYS C 46 2.44 14.86 2.02
C LYS C 46 3.58 14.04 2.62
N GLU C 47 3.60 12.76 2.26
CA GLU C 47 4.70 11.87 2.65
C GLU C 47 5.98 12.25 1.91
N ARG C 48 7.11 12.07 2.60
CA ARG C 48 8.40 12.22 1.95
C ARG C 48 8.55 11.14 0.89
N GLU C 49 9.03 11.53 -0.30
CA GLU C 49 9.13 10.58 -1.39
C GLU C 49 10.51 10.62 -2.02
N GLY C 50 10.93 9.45 -2.50
CA GLY C 50 12.21 9.35 -3.19
C GLY C 50 12.15 10.00 -4.56
N VAL C 51 13.23 10.67 -4.91
CA VAL C 51 13.36 11.34 -6.20
C VAL C 51 14.40 10.65 -7.07
N ALA C 52 15.59 10.43 -6.53
CA ALA C 52 16.70 9.85 -7.26
C ALA C 52 17.62 9.16 -6.27
N ALA C 53 18.20 8.05 -6.71
CA ALA C 53 19.14 7.31 -5.88
C ALA C 53 20.37 6.98 -6.72
N LEU C 54 21.55 7.27 -6.19
CA LEU C 54 22.79 6.94 -6.86
C LEU C 54 23.53 5.90 -6.05
N ILE C 55 23.90 4.80 -6.70
CA ILE C 55 24.69 3.75 -6.07
C ILE C 55 26.13 3.98 -6.48
N THR C 56 26.94 4.49 -5.55
CA THR C 56 28.24 5.04 -5.91
C THR C 56 29.20 3.99 -6.46
N TYR C 57 29.09 2.74 -6.00
CA TYR C 57 30.06 1.72 -6.37
C TYR C 57 29.67 0.93 -7.61
N THR C 58 28.47 1.14 -8.16
CA THR C 58 28.06 0.55 -9.42
C THR C 58 27.76 1.58 -10.49
N GLY C 59 27.48 2.83 -10.11
CA GLY C 59 27.01 3.82 -11.04
C GLY C 59 25.54 3.76 -11.36
N HIS C 60 24.83 2.74 -10.88
CA HIS C 60 23.40 2.66 -11.14
C HIS C 60 22.69 3.87 -10.53
N THR C 61 21.76 4.42 -11.30
CA THR C 61 20.91 5.51 -10.85
C THR C 61 19.47 5.10 -11.05
N TYR C 62 18.62 5.42 -10.08
CA TYR C 62 17.21 5.09 -10.13
C TYR C 62 16.42 6.36 -9.88
N TYR C 63 15.32 6.52 -10.61
CA TYR C 63 14.51 7.72 -10.54
C TYR C 63 13.06 7.36 -10.30
N ALA C 64 12.37 8.22 -9.55
CA ALA C 64 10.93 8.10 -9.44
C ALA C 64 10.31 8.21 -10.82
N ASP C 65 9.23 7.44 -11.03
CA ASP C 65 8.55 7.46 -12.32
C ASP C 65 8.18 8.87 -12.76
N SER C 66 7.81 9.73 -11.81
CA SER C 66 7.34 11.07 -12.14
C SER C 66 8.46 12.02 -12.54
N VAL C 67 9.71 11.69 -12.25
CA VAL C 67 10.83 12.55 -12.63
C VAL C 67 11.78 11.91 -13.62
N LYS C 68 11.60 10.63 -13.93
CA LYS C 68 12.49 9.93 -14.86
C LYS C 68 12.50 10.64 -16.20
N GLY C 69 13.70 10.88 -16.72
CA GLY C 69 13.86 11.60 -17.97
C GLY C 69 13.95 13.11 -17.82
N ARG C 70 13.57 13.66 -16.67
CA ARG C 70 13.67 15.09 -16.40
C ARG C 70 14.78 15.45 -15.44
N PHE C 71 15.05 14.60 -14.44
CA PHE C 71 16.07 14.86 -13.43
C PHE C 71 17.28 13.96 -13.66
N THR C 72 18.44 14.45 -13.26
CA THR C 72 19.68 13.68 -13.36
C THR C 72 20.48 13.84 -12.07
N VAL C 73 20.85 12.72 -11.46
CA VAL C 73 21.70 12.71 -10.27
C VAL C 73 23.10 12.28 -10.67
N SER C 74 24.11 12.97 -10.14
CA SER C 74 25.50 12.70 -10.49
C SER C 74 26.41 13.05 -9.32
N LEU C 75 27.55 12.38 -9.26
CA LEU C 75 28.52 12.53 -8.17
C LEU C 75 29.82 13.07 -8.72
N ASP C 76 30.32 14.14 -8.12
CA ASP C 76 31.70 14.61 -8.33
C ASP C 76 32.51 14.06 -7.17
N ASN C 77 33.19 12.94 -7.40
CA ASN C 77 33.92 12.27 -6.32
C ASN C 77 35.01 13.15 -5.75
N ALA C 78 35.68 13.93 -6.62
CA ALA C 78 36.78 14.77 -6.16
C ALA C 78 36.30 15.84 -5.20
N LYS C 79 35.14 16.44 -5.48
CA LYS C 79 34.57 17.45 -4.60
C LYS C 79 33.67 16.86 -3.52
N ASN C 80 33.42 15.55 -3.55
CA ASN C 80 32.48 14.90 -2.64
C ASN C 80 31.16 15.65 -2.59
N THR C 81 30.68 16.02 -3.78
CA THR C 81 29.42 16.74 -3.96
C THR C 81 28.56 15.96 -4.93
N VAL C 82 27.32 15.69 -4.54
CA VAL C 82 26.34 15.05 -5.42
C VAL C 82 25.35 16.10 -5.87
N TYR C 83 24.97 16.04 -7.14
CA TYR C 83 24.12 17.04 -7.76
C TYR C 83 22.77 16.45 -8.15
N LEU C 84 21.76 17.31 -8.20
CA LEU C 84 20.47 16.96 -8.80
C LEU C 84 20.16 18.04 -9.83
N GLN C 85 20.32 17.71 -11.10
CA GLN C 85 19.92 18.61 -12.17
C GLN C 85 18.45 18.36 -12.49
N MET C 86 17.63 19.39 -12.34
CA MET C 86 16.18 19.27 -12.53
C MET C 86 15.80 20.05 -13.78
N ASN C 87 15.40 19.34 -14.84
CA ASN C 87 14.95 19.94 -16.07
C ASN C 87 13.44 19.79 -16.21
N SER C 88 12.86 20.65 -17.07
CA SER C 88 11.44 20.60 -17.39
C SER C 88 10.58 20.56 -16.13
N LEU C 89 10.86 21.48 -15.22
CA LEU C 89 10.22 21.46 -13.92
C LEU C 89 8.71 21.66 -14.04
N LYS C 90 7.97 21.00 -13.16
CA LYS C 90 6.52 21.07 -13.09
C LYS C 90 6.12 21.60 -11.72
N PRO C 91 4.94 22.22 -11.62
CA PRO C 91 4.47 22.66 -10.29
C PRO C 91 4.43 21.56 -9.25
N GLU C 92 4.17 20.31 -9.65
CA GLU C 92 4.16 19.18 -8.72
C GLU C 92 5.52 18.88 -8.12
N ASP C 93 6.59 19.44 -8.68
CA ASP C 93 7.93 19.28 -8.13
C ASP C 93 8.20 20.22 -6.96
N THR C 94 7.27 21.11 -6.62
CA THR C 94 7.45 22.00 -5.49
C THR C 94 7.54 21.19 -4.20
N ALA C 95 8.64 21.38 -3.45
CA ALA C 95 8.86 20.66 -2.21
C ALA C 95 10.17 21.13 -1.57
N LEU C 96 10.36 20.73 -0.32
CA LEU C 96 11.68 20.79 0.31
C LEU C 96 12.48 19.56 -0.14
N TYR C 97 13.67 19.78 -0.68
CA TYR C 97 14.48 18.69 -1.21
C TYR C 97 15.62 18.36 -0.26
N TYR C 98 15.78 17.07 0.04
CA TYR C 98 16.80 16.57 0.95
C TYR C 98 17.75 15.64 0.23
N CYS C 99 19.04 15.72 0.56
CA CYS C 99 19.96 14.66 0.22
C CYS C 99 20.20 13.78 1.44
N ALA C 100 20.49 12.51 1.18
CA ALA C 100 20.66 11.52 2.22
C ALA C 100 21.78 10.57 1.81
N ALA C 101 22.40 9.94 2.80
CA ALA C 101 23.52 9.05 2.53
C ALA C 101 23.44 7.83 3.43
N ALA C 102 24.01 6.72 2.93
CA ALA C 102 24.12 5.50 3.70
C ALA C 102 25.37 4.75 3.27
N GLU C 103 26.00 4.07 4.23
CA GLU C 103 27.13 3.22 3.90
C GLU C 103 26.66 1.91 3.27
N TRP C 104 25.68 1.27 3.88
CA TRP C 104 25.08 0.05 3.33
C TRP C 104 23.68 -0.08 3.91
N GLY C 105 22.93 -1.05 3.40
CA GLY C 105 21.62 -1.32 3.96
C GLY C 105 21.04 -2.62 3.46
N SER C 106 20.08 -3.14 4.23
CA SER C 106 19.36 -4.34 3.87
C SER C 106 18.07 -4.07 3.12
N GLN C 107 17.58 -2.84 3.15
CA GLN C 107 16.28 -2.57 2.58
C GLN C 107 16.46 -1.86 1.23
N SER C 108 15.39 -1.27 0.71
CA SER C 108 15.43 -0.70 -0.63
C SER C 108 16.15 0.65 -0.62
N PRO C 109 17.15 0.86 -1.48
CA PRO C 109 17.80 2.17 -1.58
C PRO C 109 16.89 3.27 -2.12
N LEU C 110 15.68 2.94 -2.52
CA LEU C 110 14.71 3.92 -3.00
C LEU C 110 13.83 4.47 -1.90
N THR C 111 14.03 4.04 -0.65
CA THR C 111 13.14 4.38 0.45
C THR C 111 13.89 5.22 1.50
N GLN C 112 13.13 6.12 2.14
CA GLN C 112 13.75 7.02 3.12
C GLN C 112 14.34 6.26 4.30
N TRP C 113 13.72 5.14 4.69
CA TRP C 113 14.15 4.42 5.89
C TRP C 113 15.52 3.76 5.71
N PHE C 114 16.03 3.72 4.47
CA PHE C 114 17.31 3.12 4.16
C PHE C 114 18.49 4.00 4.61
N TYR C 115 18.27 5.30 4.74
CA TYR C 115 19.35 6.28 4.83
C TYR C 115 19.56 6.75 6.26
N ARG C 116 20.82 6.81 6.67
CA ARG C 116 21.21 7.18 8.02
C ARG C 116 21.44 8.69 8.17
N TYR C 117 22.09 9.31 7.19
CA TYR C 117 22.46 10.71 7.27
C TYR C 117 21.55 11.55 6.37
N TRP C 118 21.13 12.71 6.87
CA TRP C 118 20.18 13.58 6.20
C TRP C 118 20.64 15.03 6.29
N GLY C 119 20.43 15.79 5.21
CA GLY C 119 20.71 17.21 5.21
C GLY C 119 19.54 18.00 5.76
N GLN C 120 19.69 19.33 5.75
CA GLN C 120 18.66 20.22 6.28
C GLN C 120 17.55 20.51 5.27
N GLY C 121 17.78 20.27 4.00
CA GLY C 121 16.76 20.51 3.00
C GLY C 121 16.87 21.87 2.36
N THR C 122 16.51 21.95 1.08
CA THR C 122 16.52 23.21 0.35
C THR C 122 15.22 23.32 -0.43
N GLN C 123 14.64 24.52 -0.45
CA GLN C 123 13.28 24.70 -0.97
C GLN C 123 13.29 24.94 -2.48
N VAL C 124 12.46 24.18 -3.19
CA VAL C 124 12.23 24.35 -4.62
C VAL C 124 10.76 24.67 -4.83
N THR C 125 10.48 25.77 -5.52
CA THR C 125 9.11 26.20 -5.81
C THR C 125 8.97 26.38 -7.31
N VAL C 126 7.99 25.69 -7.90
CA VAL C 126 7.72 25.76 -9.32
C VAL C 126 6.29 26.27 -9.50
N SER C 127 6.12 27.24 -10.40
CA SER C 127 4.82 27.87 -10.61
C SER C 127 4.38 27.69 -12.06
N ALA C 128 3.09 27.45 -12.25
CA ALA C 128 2.51 27.33 -13.58
C ALA C 128 2.08 28.69 -14.10
N PRO D 2 -14.79 11.91 -27.52
CA PRO D 2 -14.50 10.51 -27.79
C PRO D 2 -14.30 10.24 -29.27
N SER D 3 -13.90 9.03 -29.63
CA SER D 3 -13.69 8.71 -31.02
C SER D 3 -15.00 8.27 -31.68
N GLN D 4 -15.04 8.42 -33.00
CA GLN D 4 -16.23 8.05 -33.76
C GLN D 4 -16.53 6.56 -33.63
N VAL D 5 -15.49 5.73 -33.55
CA VAL D 5 -15.61 4.28 -33.48
C VAL D 5 -14.86 3.80 -32.25
N GLN D 6 -15.41 2.78 -31.58
CA GLN D 6 -14.77 2.18 -30.41
C GLN D 6 -14.47 0.71 -30.71
N LEU D 7 -13.26 0.27 -30.37
CA LEU D 7 -12.84 -1.11 -30.51
C LEU D 7 -12.38 -1.62 -29.15
N VAL D 8 -12.93 -2.77 -28.73
CA VAL D 8 -12.59 -3.37 -27.44
C VAL D 8 -12.24 -4.84 -27.66
N GLU D 9 -11.00 -5.20 -27.37
CA GLU D 9 -10.58 -6.59 -27.48
C GLU D 9 -10.89 -7.36 -26.21
N SER D 10 -11.04 -8.67 -26.37
CA SER D 10 -11.15 -9.61 -25.26
C SER D 10 -10.74 -10.98 -25.78
N GLY D 11 -10.68 -11.94 -24.87
CA GLY D 11 -10.38 -13.32 -25.22
C GLY D 11 -8.95 -13.74 -25.00
N GLY D 12 -8.07 -12.82 -24.63
CA GLY D 12 -6.69 -13.18 -24.34
C GLY D 12 -6.56 -14.00 -23.09
N GLY D 13 -5.38 -14.60 -22.92
CA GLY D 13 -5.12 -15.44 -21.78
C GLY D 13 -3.75 -16.05 -21.86
N SER D 14 -3.47 -16.92 -20.89
CA SER D 14 -2.17 -17.58 -20.73
C SER D 14 -2.39 -19.08 -20.74
N VAL D 15 -1.89 -19.76 -21.77
CA VAL D 15 -2.12 -21.19 -21.98
C VAL D 15 -0.81 -21.85 -22.41
N GLN D 16 -0.79 -23.18 -22.35
CA GLN D 16 0.37 -23.92 -22.79
C GLN D 16 0.38 -24.06 -24.31
N ALA D 17 1.57 -24.26 -24.86
CA ALA D 17 1.71 -24.52 -26.29
C ALA D 17 0.88 -25.73 -26.69
N GLY D 18 0.29 -25.66 -27.87
CA GLY D 18 -0.62 -26.68 -28.35
C GLY D 18 -2.08 -26.37 -28.15
N GLY D 19 -2.38 -25.37 -27.32
CA GLY D 19 -3.75 -24.93 -27.08
C GLY D 19 -4.21 -23.92 -28.10
N SER D 20 -5.39 -23.37 -27.85
CA SER D 20 -6.01 -22.41 -28.73
C SER D 20 -6.63 -21.28 -27.91
N LEU D 21 -6.77 -20.12 -28.56
CA LEU D 21 -7.48 -18.98 -28.01
C LEU D 21 -8.31 -18.36 -29.11
N ARG D 22 -9.40 -17.69 -28.73
CA ARG D 22 -10.24 -16.95 -29.66
C ARG D 22 -10.33 -15.51 -29.19
N LEU D 23 -9.64 -14.62 -29.88
CA LEU D 23 -9.74 -13.20 -29.58
C LEU D 23 -10.98 -12.62 -30.25
N SER D 24 -11.61 -11.67 -29.57
CA SER D 24 -12.76 -10.95 -30.11
C SER D 24 -12.48 -9.46 -30.05
N CYS D 25 -13.03 -8.73 -31.03
CA CYS D 25 -12.89 -7.27 -31.10
C CYS D 25 -14.28 -6.69 -31.34
N ALA D 26 -14.89 -6.16 -30.29
CA ALA D 26 -16.22 -5.57 -30.38
C ALA D 26 -16.12 -4.15 -30.91
N ALA D 27 -16.83 -3.88 -32.00
CA ALA D 27 -16.83 -2.57 -32.65
C ALA D 27 -18.19 -1.91 -32.45
N SER D 28 -18.17 -0.62 -32.12
CA SER D 28 -19.40 0.12 -31.90
C SER D 28 -19.18 1.56 -32.33
N GLY D 29 -20.29 2.29 -32.46
CA GLY D 29 -20.24 3.66 -32.92
C GLY D 29 -20.67 3.77 -34.37
N GLN D 30 -20.06 4.70 -35.11
CA GLN D 30 -20.37 4.88 -36.53
C GLN D 30 -19.48 3.93 -37.34
N ILE D 31 -19.85 2.65 -37.30
CA ILE D 31 -19.10 1.60 -37.98
C ILE D 31 -19.75 1.20 -39.30
N GLU D 32 -20.61 2.07 -39.85
CA GLU D 32 -21.38 1.70 -41.03
C GLU D 32 -20.50 1.54 -42.27
N HIS D 33 -19.34 2.20 -42.30
CA HIS D 33 -18.49 2.22 -43.49
C HIS D 33 -17.17 1.48 -43.31
N ILE D 34 -17.03 0.69 -42.24
CA ILE D 34 -15.78 -0.01 -42.00
C ILE D 34 -15.61 -1.11 -43.04
N GLY D 35 -14.50 -1.07 -43.77
CA GLY D 35 -14.26 -2.06 -44.81
C GLY D 35 -13.03 -2.90 -44.55
N TYR D 36 -12.26 -2.55 -43.52
CA TYR D 36 -11.00 -3.20 -43.23
C TYR D 36 -10.85 -3.41 -41.73
N LEU D 37 -10.56 -4.65 -41.34
CA LEU D 37 -10.29 -5.00 -39.96
C LEU D 37 -8.99 -5.76 -39.92
N GLY D 38 -8.09 -5.37 -39.02
CA GLY D 38 -6.80 -6.00 -38.92
C GLY D 38 -6.47 -6.40 -37.50
N TRP D 39 -5.69 -7.46 -37.38
CA TRP D 39 -5.10 -7.88 -36.12
C TRP D 39 -3.59 -7.67 -36.17
N PHE D 40 -3.06 -7.01 -35.15
CA PHE D 40 -1.63 -6.77 -35.02
C PHE D 40 -1.18 -7.28 -33.65
N ARG D 41 0.12 -7.56 -33.53
CA ARG D 41 0.66 -7.97 -32.24
C ARG D 41 1.99 -7.29 -32.00
N GLN D 42 2.38 -7.22 -30.73
CA GLN D 42 3.56 -6.48 -30.32
C GLN D 42 4.17 -7.12 -29.09
N ALA D 43 5.43 -7.47 -29.17
CA ALA D 43 6.25 -7.94 -28.06
C ALA D 43 6.92 -6.75 -27.38
N PRO D 44 7.28 -6.88 -26.10
CA PRO D 44 7.93 -5.76 -25.41
C PRO D 44 9.24 -5.37 -26.07
N GLY D 45 9.42 -4.07 -26.31
CA GLY D 45 10.59 -3.57 -26.99
C GLY D 45 10.59 -3.75 -28.48
N LYS D 46 9.65 -4.51 -29.04
CA LYS D 46 9.52 -4.73 -30.46
C LYS D 46 8.46 -3.83 -31.06
N GLU D 47 8.50 -3.68 -32.37
CA GLU D 47 7.51 -2.87 -33.06
C GLU D 47 6.33 -3.74 -33.50
N ARG D 48 5.20 -3.07 -33.71
CA ARG D 48 3.97 -3.75 -34.09
C ARG D 48 4.14 -4.50 -35.41
N GLU D 49 3.61 -5.72 -35.46
CA GLU D 49 3.65 -6.54 -36.66
C GLU D 49 2.24 -6.98 -37.03
N GLY D 50 1.94 -6.96 -38.33
CA GLY D 50 0.65 -7.44 -38.77
C GLY D 50 0.52 -8.95 -38.62
N VAL D 51 -0.66 -9.39 -38.20
CA VAL D 51 -0.95 -10.81 -38.01
C VAL D 51 -1.98 -11.30 -39.02
N ALA D 52 -3.09 -10.58 -39.16
CA ALA D 52 -4.13 -10.97 -40.08
C ALA D 52 -4.91 -9.74 -40.48
N ALA D 53 -5.46 -9.77 -41.69
CA ALA D 53 -6.30 -8.70 -42.20
C ALA D 53 -7.50 -9.30 -42.91
N LEU D 54 -8.67 -8.71 -42.67
CA LEU D 54 -9.89 -9.07 -43.34
C LEU D 54 -10.40 -7.86 -44.10
N ILE D 55 -10.64 -8.04 -45.39
CA ILE D 55 -11.33 -7.04 -46.19
C ILE D 55 -12.80 -7.43 -46.20
N THR D 56 -13.62 -6.68 -45.45
CA THR D 56 -14.95 -7.16 -45.11
C THR D 56 -15.89 -7.18 -46.31
N TYR D 57 -15.71 -6.28 -47.27
CA TYR D 57 -16.63 -6.18 -48.40
C TYR D 57 -16.28 -7.12 -49.55
N THR D 58 -15.12 -7.78 -49.50
CA THR D 58 -14.79 -8.84 -50.45
C THR D 58 -14.59 -10.20 -49.81
N GLY D 59 -14.39 -10.26 -48.50
CA GLY D 59 -14.08 -11.51 -47.85
C GLY D 59 -12.63 -11.95 -47.94
N HIS D 60 -11.79 -11.19 -48.64
CA HIS D 60 -10.38 -11.56 -48.75
C HIS D 60 -9.69 -11.49 -47.40
N THR D 61 -8.80 -12.44 -47.15
CA THR D 61 -8.06 -12.49 -45.90
C THR D 61 -6.58 -12.66 -46.19
N TYR D 62 -5.76 -12.16 -45.26
CA TYR D 62 -4.31 -12.18 -45.40
C TYR D 62 -3.70 -12.50 -44.05
N TYR D 63 -2.63 -13.29 -44.06
CA TYR D 63 -2.00 -13.75 -42.83
C TYR D 63 -0.49 -13.59 -42.93
N ALA D 64 0.13 -13.24 -41.80
CA ALA D 64 1.59 -13.26 -41.73
C ALA D 64 2.09 -14.69 -41.93
N ASP D 65 3.29 -14.80 -42.50
CA ASP D 65 3.83 -16.11 -42.84
C ASP D 65 3.93 -17.03 -41.62
N SER D 66 4.35 -16.48 -40.47
CA SER D 66 4.53 -17.27 -39.26
C SER D 66 3.20 -17.72 -38.65
N VAL D 67 2.07 -17.30 -39.21
CA VAL D 67 0.77 -17.48 -38.59
C VAL D 67 -0.17 -18.22 -39.54
N LYS D 68 0.10 -18.08 -40.85
CA LYS D 68 -0.78 -18.66 -41.87
C LYS D 68 -0.92 -20.16 -41.69
N GLY D 69 -2.15 -20.64 -41.77
CA GLY D 69 -2.45 -22.04 -41.53
C GLY D 69 -2.79 -22.38 -40.10
N ARG D 70 -2.52 -21.46 -39.17
CA ARG D 70 -2.85 -21.65 -37.76
C ARG D 70 -3.90 -20.70 -37.25
N PHE D 71 -3.96 -19.47 -37.78
CA PHE D 71 -4.89 -18.45 -37.32
C PHE D 71 -5.95 -18.20 -38.38
N THR D 72 -7.13 -17.77 -37.92
CA THR D 72 -8.25 -17.44 -38.80
C THR D 72 -8.89 -16.14 -38.34
N VAL D 73 -9.07 -15.20 -39.26
CA VAL D 73 -9.78 -13.96 -38.97
C VAL D 73 -11.16 -14.04 -39.61
N SER D 74 -12.19 -13.67 -38.85
CA SER D 74 -13.57 -13.77 -39.31
C SER D 74 -14.42 -12.71 -38.61
N LEU D 75 -15.50 -12.32 -39.27
CA LEU D 75 -16.38 -11.26 -38.79
C LEU D 75 -17.79 -11.78 -38.55
N ASP D 76 -18.40 -11.34 -37.46
CA ASP D 76 -19.81 -11.59 -37.15
C ASP D 76 -20.55 -10.28 -37.37
N ASN D 77 -21.21 -10.15 -38.53
CA ASN D 77 -21.86 -8.89 -38.88
C ASN D 77 -23.03 -8.58 -37.95
N ALA D 78 -23.73 -9.61 -37.45
CA ALA D 78 -24.84 -9.37 -36.54
C ALA D 78 -24.35 -8.79 -35.22
N LYS D 79 -23.21 -9.29 -34.73
CA LYS D 79 -22.67 -8.85 -33.44
C LYS D 79 -21.70 -7.69 -33.56
N ASN D 80 -21.28 -7.33 -34.78
CA ASN D 80 -20.30 -6.26 -35.01
C ASN D 80 -18.97 -6.55 -34.31
N THR D 81 -18.57 -7.81 -34.24
CA THR D 81 -17.27 -8.16 -33.67
C THR D 81 -16.50 -9.04 -34.64
N VAL D 82 -15.22 -8.76 -34.77
CA VAL D 82 -14.30 -9.57 -35.55
C VAL D 82 -13.52 -10.45 -34.58
N TYR D 83 -13.12 -11.62 -35.07
CA TYR D 83 -12.42 -12.59 -34.23
C TYR D 83 -11.06 -12.92 -34.83
N LEU D 84 -10.18 -13.40 -33.96
CA LEU D 84 -8.92 -14.03 -34.36
C LEU D 84 -8.88 -15.38 -33.67
N GLN D 85 -9.17 -16.44 -34.43
CA GLN D 85 -9.03 -17.79 -33.92
C GLN D 85 -7.57 -18.19 -33.99
N MET D 86 -6.99 -18.51 -32.85
CA MET D 86 -5.56 -18.81 -32.74
C MET D 86 -5.41 -20.28 -32.40
N ASN D 87 -5.14 -21.10 -33.41
CA ASN D 87 -4.95 -22.53 -33.19
C ASN D 87 -3.47 -22.88 -33.09
N SER D 88 -3.18 -24.03 -32.50
CA SER D 88 -1.83 -24.59 -32.45
C SER D 88 -0.83 -23.55 -31.94
N LEU D 89 -1.15 -22.98 -30.78
CA LEU D 89 -0.36 -21.89 -30.25
C LEU D 89 1.07 -22.33 -29.94
N LYS D 90 2.02 -21.43 -30.22
CA LYS D 90 3.44 -21.58 -30.00
C LYS D 90 3.94 -20.49 -29.07
N PRO D 91 5.02 -20.73 -28.32
CA PRO D 91 5.54 -19.68 -27.42
C PRO D 91 5.81 -18.37 -28.13
N GLU D 92 6.25 -18.39 -29.38
CA GLU D 92 6.53 -17.17 -30.12
C GLU D 92 5.28 -16.37 -30.46
N ASP D 93 4.10 -16.90 -30.18
CA ASP D 93 2.86 -16.13 -30.33
C ASP D 93 2.61 -15.19 -29.16
N THR D 94 3.45 -15.26 -28.13
CA THR D 94 3.31 -14.39 -26.96
C THR D 94 3.50 -12.93 -27.34
N ALA D 95 2.48 -12.11 -27.10
CA ALA D 95 2.49 -10.69 -27.45
C ALA D 95 1.21 -10.06 -26.96
N LEU D 96 1.18 -8.72 -27.03
CA LEU D 96 -0.06 -7.95 -26.89
C LEU D 96 -0.71 -7.85 -28.26
N TYR D 97 -1.97 -8.26 -28.38
CA TYR D 97 -2.66 -8.30 -29.67
C TYR D 97 -3.66 -7.15 -29.77
N TYR D 98 -3.58 -6.42 -30.89
CA TYR D 98 -4.42 -5.24 -31.12
C TYR D 98 -5.38 -5.49 -32.27
N CYS D 99 -6.60 -5.01 -32.11
CA CYS D 99 -7.57 -4.90 -33.18
C CYS D 99 -7.47 -3.52 -33.81
N ALA D 100 -7.67 -3.44 -35.13
CA ALA D 100 -7.64 -2.14 -35.80
C ALA D 100 -8.64 -2.12 -36.93
N ALA D 101 -9.18 -0.92 -37.21
CA ALA D 101 -10.25 -0.75 -38.18
C ALA D 101 -9.99 0.46 -39.07
N ALA D 102 -10.45 0.36 -40.32
CA ALA D 102 -10.38 1.46 -41.26
C ALA D 102 -11.60 1.40 -42.19
N GLU D 103 -12.07 2.59 -42.58
CA GLU D 103 -13.16 2.68 -43.54
C GLU D 103 -12.65 2.46 -44.96
N TRP D 104 -11.61 3.18 -45.34
CA TRP D 104 -11.01 3.06 -46.66
C TRP D 104 -9.53 3.38 -46.53
N GLY D 105 -8.81 3.26 -47.63
CA GLY D 105 -7.40 3.59 -47.62
C GLY D 105 -6.80 3.58 -49.00
N SER D 106 -5.73 4.35 -49.15
CA SER D 106 -4.97 4.41 -50.39
C SER D 106 -3.75 3.50 -50.38
N GLN D 107 -3.31 3.05 -49.22
CA GLN D 107 -2.08 2.27 -49.10
C GLN D 107 -2.43 0.81 -48.82
N SER D 108 -1.45 0.04 -48.39
CA SER D 108 -1.66 -1.39 -48.21
C SER D 108 -2.45 -1.66 -46.94
N PRO D 109 -3.54 -2.45 -47.01
CA PRO D 109 -4.26 -2.84 -45.78
C PRO D 109 -3.45 -3.77 -44.88
N LEU D 110 -2.22 -4.13 -45.25
CA LEU D 110 -1.44 -5.07 -44.46
C LEU D 110 -0.55 -4.41 -43.42
N THR D 111 -0.44 -3.08 -43.42
CA THR D 111 0.44 -2.40 -42.48
C THR D 111 -0.36 -1.56 -41.49
N GLN D 112 0.26 -1.29 -40.34
CA GLN D 112 -0.43 -0.59 -39.26
C GLN D 112 -0.81 0.83 -39.65
N TRP D 113 -0.02 1.47 -40.53
CA TRP D 113 -0.27 2.86 -40.86
C TRP D 113 -1.56 3.05 -41.64
N PHE D 114 -2.12 1.98 -42.17
CA PHE D 114 -3.38 2.01 -42.91
C PHE D 114 -4.58 2.28 -42.01
N TYR D 115 -4.50 1.97 -40.72
CA TYR D 115 -5.67 1.88 -39.85
C TYR D 115 -5.82 3.10 -38.95
N ARG D 116 -7.06 3.58 -38.84
CA ARG D 116 -7.41 4.78 -38.09
C ARG D 116 -7.76 4.48 -36.64
N TYR D 117 -8.52 3.42 -36.41
CA TYR D 117 -9.02 3.07 -35.09
C TYR D 117 -8.25 1.87 -34.54
N TRP D 118 -7.93 1.93 -33.25
CA TRP D 118 -7.13 0.90 -32.59
C TRP D 118 -7.75 0.56 -31.25
N GLY D 119 -7.81 -0.74 -30.96
CA GLY D 119 -8.26 -1.20 -29.66
C GLY D 119 -7.20 -1.02 -28.60
N GLN D 120 -7.56 -1.38 -27.37
CA GLN D 120 -6.65 -1.23 -26.25
C GLN D 120 -5.66 -2.38 -26.11
N GLY D 121 -5.92 -3.51 -26.76
CA GLY D 121 -5.03 -4.64 -26.72
C GLY D 121 -5.50 -5.71 -25.74
N THR D 122 -5.16 -6.96 -26.05
CA THR D 122 -5.41 -8.09 -25.17
C THR D 122 -4.18 -8.97 -25.15
N GLN D 123 -3.78 -9.41 -23.96
CA GLN D 123 -2.51 -10.09 -23.77
C GLN D 123 -2.64 -11.59 -24.05
N VAL D 124 -1.67 -12.13 -24.79
CA VAL D 124 -1.59 -13.55 -25.10
C VAL D 124 -0.23 -14.06 -24.64
N THR D 125 -0.23 -15.08 -23.77
CA THR D 125 1.01 -15.69 -23.28
C THR D 125 0.93 -17.19 -23.51
N VAL D 126 1.93 -17.74 -24.19
CA VAL D 126 1.98 -19.17 -24.52
C VAL D 126 3.28 -19.75 -23.97
N SER D 127 3.17 -20.73 -23.07
CA SER D 127 4.33 -21.30 -22.41
C SER D 127 4.67 -22.66 -23.02
N ALA D 128 5.97 -22.91 -23.19
CA ALA D 128 6.43 -24.22 -23.62
C ALA D 128 6.22 -25.23 -22.50
#